data_3QR3
#
_entry.id   3QR3
#
_cell.length_a   82.953
_cell.length_b   84.593
_cell.length_c   90.113
_cell.angle_alpha   90.00
_cell.angle_beta   90.00
_cell.angle_gamma   90.00
#
_symmetry.space_group_name_H-M   'P 21 21 21'
#
loop_
_entity.id
_entity.type
_entity.pdbx_description
1 polymer 'Endoglucanase EG-II'
2 non-polymer 'SULFATE ION'
3 non-polymer 'MAGNESIUM ION'
4 water water
#
_entity_poly.entity_id   1
_entity_poly.type   'polypeptide(L)'
_entity_poly.pdbx_seq_one_letter_code
;MGVRFAGVNIAGFDFGCTTDGTCVTSKVYPPLKNFTGSNNYPDGIGQMQHFVNEDGMTIFRLPVGWQYLVNNNLGGNLDS
TSISKYDQLVQGCLSLGAYCIVDIHNYARWNGGIIGQGGPTNAQFTSLWSQLASKYASQSRVWFGIMNEPHDVNINTWAA
TVQEVVTAIRNAGATSQFISLPGNDWQSAGAFISDGSAAALSQVTNPDGSTTNLIFDVHKYLDSDNSGTHAECTTNNIDG
AFSPLATWLRQNNRQAILTETGGGNVQSCIQDMCQQIQYLNQNSDVYLGYVGWGAGSFDSTYVLTETPTSSGNSWTDTSL
VSSCLARKGGSGSGHHHHHH
;
_entity_poly.pdbx_strand_id   A,B
#
# COMPACT_ATOMS: atom_id res chain seq x y z
N MET A 1 -18.85 16.12 31.06
CA MET A 1 -18.59 17.20 30.11
C MET A 1 -18.13 16.67 28.75
N GLY A 2 -18.43 15.40 28.47
CA GLY A 2 -18.29 14.86 27.14
C GLY A 2 -18.55 13.36 27.12
N VAL A 3 -18.58 12.77 25.93
CA VAL A 3 -18.82 11.34 25.82
C VAL A 3 -17.71 10.60 26.55
N ARG A 4 -18.02 9.41 27.03
CA ARG A 4 -17.04 8.66 27.79
C ARG A 4 -15.82 8.24 26.97
N PHE A 5 -16.05 7.79 25.74
CA PHE A 5 -14.99 7.22 24.93
C PHE A 5 -14.66 8.04 23.69
N ALA A 6 -13.38 8.34 23.53
CA ALA A 6 -12.87 9.05 22.36
C ALA A 6 -11.68 8.27 21.90
N GLY A 7 -11.61 7.96 20.61
CA GLY A 7 -10.49 7.23 20.08
C GLY A 7 -10.50 7.12 18.58
N VAL A 8 -9.79 6.13 18.07
CA VAL A 8 -9.60 5.98 16.64
C VAL A 8 -9.52 4.52 16.24
N ASN A 9 -9.82 4.25 14.98
CA ASN A 9 -9.63 2.94 14.39
C ASN A 9 -8.17 2.73 14.02
N ILE A 10 -7.58 1.63 14.49
CA ILE A 10 -6.20 1.25 14.18
C ILE A 10 -6.29 0.12 13.15
N ALA A 11 -6.33 0.49 11.88
CA ALA A 11 -6.67 -0.44 10.80
C ALA A 11 -5.45 -1.22 10.26
N GLY A 12 -5.71 -2.27 9.49
CA GLY A 12 -4.66 -3.04 8.87
C GLY A 12 -4.93 -4.54 8.84
N PHE A 13 -5.42 -5.09 9.95
CA PHE A 13 -5.82 -6.51 9.96
C PHE A 13 -7.00 -6.72 9.01
N ASP A 14 -7.57 -5.62 8.53
CA ASP A 14 -8.71 -5.69 7.63
C ASP A 14 -8.38 -5.32 6.19
N PHE A 15 -7.12 -4.96 5.93
CA PHE A 15 -6.77 -4.64 4.55
C PHE A 15 -6.97 -5.91 3.73
N GLY A 16 -7.55 -5.76 2.55
CA GLY A 16 -7.90 -6.90 1.74
C GLY A 16 -9.37 -7.28 1.87
N CYS A 17 -10.10 -6.61 2.76
CA CYS A 17 -11.55 -6.85 2.88
C CYS A 17 -12.32 -5.88 1.99
N THR A 18 -13.26 -6.40 1.22
CA THR A 18 -14.11 -5.55 0.39
C THR A 18 -15.55 -5.62 0.89
N THR A 19 -16.43 -4.78 0.33
CA THR A 19 -17.77 -4.61 0.87
C THR A 19 -18.70 -5.80 0.63
N ASP A 20 -18.24 -6.79 -0.14
CA ASP A 20 -19.01 -8.02 -0.36
C ASP A 20 -18.71 -9.06 0.70
N GLY A 21 -17.89 -8.72 1.69
CA GLY A 21 -17.53 -9.70 2.71
C GLY A 21 -16.38 -10.62 2.32
N THR A 22 -15.73 -10.33 1.19
CA THR A 22 -14.52 -11.07 0.83
C THR A 22 -13.32 -10.42 1.49
N CYS A 23 -12.63 -11.17 2.34
CA CYS A 23 -11.34 -10.73 2.87
C CYS A 23 -10.23 -11.65 2.35
N VAL A 24 -9.34 -11.11 1.53
CA VAL A 24 -8.21 -11.87 1.01
C VAL A 24 -7.11 -11.86 2.05
N THR A 25 -6.88 -12.98 2.72
CA THR A 25 -5.98 -12.97 3.87
C THR A 25 -4.52 -12.67 3.52
N SER A 26 -4.13 -12.95 2.28
CA SER A 26 -2.77 -12.66 1.89
C SER A 26 -2.51 -11.15 1.85
N LYS A 27 -3.58 -10.36 1.82
CA LYS A 27 -3.42 -8.91 1.68
C LYS A 27 -3.51 -8.11 2.98
N VAL A 28 -3.59 -8.77 4.14
CA VAL A 28 -3.59 -8.02 5.40
C VAL A 28 -2.27 -7.26 5.54
N TYR A 29 -2.31 -6.11 6.21
CA TYR A 29 -1.11 -5.34 6.48
C TYR A 29 -1.26 -4.83 7.91
N PRO A 30 -1.09 -5.74 8.89
CA PRO A 30 -1.43 -5.42 10.29
C PRO A 30 -0.53 -4.36 10.87
N PRO A 31 -1.09 -3.49 11.72
CA PRO A 31 -0.33 -2.41 12.38
C PRO A 31 0.42 -2.91 13.63
N LEU A 32 1.18 -3.98 13.46
CA LEU A 32 2.10 -4.44 14.49
C LEU A 32 3.51 -4.33 13.91
N LYS A 33 4.34 -3.51 14.55
CA LYS A 33 5.63 -3.15 13.97
C LYS A 33 6.45 -4.36 13.54
N ASN A 34 6.53 -5.37 14.40
CA ASN A 34 7.35 -6.55 14.10
C ASN A 34 6.51 -7.76 13.72
N PHE A 35 5.47 -7.53 12.93
CA PHE A 35 4.55 -8.60 12.48
C PHE A 35 5.26 -9.73 11.73
N THR A 36 6.31 -9.42 10.98
CA THR A 36 7.01 -10.43 10.19
C THR A 36 8.48 -10.62 10.56
N GLY A 37 9.01 -9.78 11.44
CA GLY A 37 10.43 -9.83 11.73
C GLY A 37 11.21 -8.75 10.99
N SER A 38 10.58 -8.12 10.00
CA SER A 38 11.20 -6.99 9.31
C SER A 38 11.26 -5.79 10.25
N ASN A 39 10.43 -5.81 11.28
CA ASN A 39 10.33 -4.70 12.24
C ASN A 39 10.02 -3.35 11.59
N ASN A 40 9.30 -3.37 10.47
CA ASN A 40 8.92 -2.10 9.86
C ASN A 40 7.51 -2.12 9.28
N TYR A 41 6.64 -2.96 9.83
CA TYR A 41 5.22 -2.80 9.59
C TYR A 41 4.77 -1.58 10.39
N PRO A 42 3.57 -1.05 10.11
CA PRO A 42 3.10 0.14 10.83
C PRO A 42 3.02 -0.11 12.34
N ASP A 43 3.33 0.93 13.13
CA ASP A 43 3.48 0.79 14.57
C ASP A 43 2.19 1.17 15.30
N GLY A 44 1.20 0.30 15.20
CA GLY A 44 -0.10 0.56 15.80
C GLY A 44 -0.05 0.73 17.30
N ILE A 45 0.79 -0.04 17.96
CA ILE A 45 0.86 0.02 19.41
C ILE A 45 1.52 1.33 19.86
N GLY A 46 2.57 1.73 19.16
CA GLY A 46 3.18 3.02 19.39
C GLY A 46 2.21 4.16 19.12
N GLN A 47 1.38 4.02 18.09
CA GLN A 47 0.37 5.03 17.81
C GLN A 47 -0.61 5.13 18.98
N MET A 48 -1.14 3.99 19.40
CA MET A 48 -2.09 3.98 20.52
C MET A 48 -1.52 4.64 21.77
N GLN A 49 -0.25 4.38 22.06
CA GLN A 49 0.38 4.94 23.25
C GLN A 49 0.40 6.47 23.18
N HIS A 50 0.74 6.99 22.01
CA HIS A 50 0.66 8.42 21.75
C HIS A 50 -0.76 8.96 21.94
N PHE A 51 -1.74 8.29 21.33
CA PHE A 51 -3.12 8.71 21.42
C PHE A 51 -3.61 8.77 22.86
N VAL A 52 -3.19 7.80 23.67
CA VAL A 52 -3.63 7.73 25.06
C VAL A 52 -2.90 8.77 25.90
N ASN A 53 -1.58 8.87 25.72
CA ASN A 53 -0.76 9.73 26.57
C ASN A 53 -0.86 11.21 26.24
N GLU A 54 -0.96 11.52 24.96
CA GLU A 54 -0.94 12.90 24.50
C GLU A 54 -2.33 13.45 24.13
N ASP A 55 -3.22 12.56 23.67
CA ASP A 55 -4.48 13.00 23.09
C ASP A 55 -5.71 12.58 23.89
N GLY A 56 -5.48 12.08 25.11
CA GLY A 56 -6.56 11.79 26.03
C GLY A 56 -7.58 10.78 25.53
N MET A 57 -7.15 9.90 24.64
CA MET A 57 -8.05 8.90 24.09
C MET A 57 -8.19 7.68 24.97
N THR A 58 -9.38 7.08 24.97
CA THR A 58 -9.71 6.00 25.90
C THR A 58 -10.29 4.76 25.22
N ILE A 59 -10.42 4.81 23.90
CA ILE A 59 -10.91 3.64 23.18
C ILE A 59 -10.22 3.48 21.82
N PHE A 60 -10.01 2.24 21.40
CA PHE A 60 -9.55 1.96 20.04
C PHE A 60 -10.38 0.85 19.45
N ARG A 61 -10.58 0.92 18.14
CA ARG A 61 -11.30 -0.11 17.43
C ARG A 61 -10.28 -0.82 16.53
N LEU A 62 -10.33 -2.14 16.53
CA LEU A 62 -9.31 -2.95 15.85
C LEU A 62 -9.96 -3.84 14.81
N PRO A 63 -10.16 -3.31 13.60
CA PRO A 63 -10.82 -4.02 12.51
C PRO A 63 -10.01 -5.23 12.10
N VAL A 64 -10.69 -6.35 11.88
CA VAL A 64 -10.01 -7.55 11.39
C VAL A 64 -10.97 -8.39 10.56
N GLY A 65 -10.43 -9.05 9.54
CA GLY A 65 -11.23 -9.88 8.68
C GLY A 65 -11.60 -11.19 9.35
N TRP A 66 -12.86 -11.58 9.22
CA TRP A 66 -13.32 -12.90 9.68
C TRP A 66 -12.41 -13.99 9.11
N GLN A 67 -12.15 -13.93 7.81
CA GLN A 67 -11.35 -14.97 7.13
C GLN A 67 -9.98 -15.08 7.76
N TYR A 68 -9.44 -13.94 8.20
CA TYR A 68 -8.12 -13.95 8.81
C TYR A 68 -8.11 -14.76 10.12
N LEU A 69 -9.11 -14.53 10.96
CA LEU A 69 -9.11 -15.13 12.29
C LEU A 69 -9.24 -16.65 12.25
N VAL A 70 -9.96 -17.15 11.27
CA VAL A 70 -10.14 -18.59 11.14
C VAL A 70 -9.30 -19.15 9.98
N ASN A 71 -8.39 -18.34 9.46
CA ASN A 71 -7.60 -18.71 8.29
C ASN A 71 -8.43 -19.38 7.20
N ASN A 72 -9.52 -18.71 6.79
CA ASN A 72 -10.37 -19.19 5.70
C ASN A 72 -11.17 -20.48 5.98
N ASN A 73 -11.12 -20.96 7.21
CA ASN A 73 -11.91 -22.14 7.59
CA ASN A 73 -11.90 -22.14 7.61
C ASN A 73 -13.24 -21.74 8.21
N LEU A 74 -14.25 -21.58 7.37
CA LEU A 74 -15.54 -21.13 7.82
C LEU A 74 -16.07 -22.08 8.89
N GLY A 75 -16.44 -21.53 10.04
CA GLY A 75 -17.00 -22.32 11.12
C GLY A 75 -15.94 -23.09 11.90
N GLY A 76 -14.68 -22.90 11.55
CA GLY A 76 -13.60 -23.63 12.20
C GLY A 76 -13.06 -22.99 13.46
N ASN A 77 -12.05 -23.60 14.06
CA ASN A 77 -11.40 -23.04 15.23
C ASN A 77 -10.59 -21.82 14.81
N LEU A 78 -10.47 -20.84 15.71
CA LEU A 78 -9.59 -19.72 15.43
C LEU A 78 -8.20 -20.28 15.09
N ASP A 79 -7.58 -19.73 14.06
CA ASP A 79 -6.24 -20.15 13.64
C ASP A 79 -5.24 -19.65 14.68
N SER A 80 -4.38 -20.54 15.18
CA SER A 80 -3.52 -20.20 16.30
C SER A 80 -2.57 -19.04 15.98
N THR A 81 -2.04 -19.01 14.76
CA THR A 81 -1.17 -17.91 14.39
C THR A 81 -1.95 -16.60 14.34
N SER A 82 -3.06 -16.63 13.61
CA SER A 82 -3.85 -15.41 13.39
C SER A 82 -4.28 -14.78 14.71
N ILE A 83 -4.84 -15.59 15.61
CA ILE A 83 -5.37 -15.05 16.87
C ILE A 83 -4.22 -14.57 17.75
N SER A 84 -3.09 -15.26 17.68
CA SER A 84 -1.88 -14.86 18.41
C SER A 84 -1.38 -13.48 17.98
N LYS A 85 -1.33 -13.25 16.67
CA LYS A 85 -0.93 -11.96 16.14
C LYS A 85 -1.95 -10.88 16.50
N TYR A 86 -3.22 -11.14 16.22
CA TYR A 86 -4.26 -10.17 16.52
C TYR A 86 -4.33 -9.84 18.00
N ASP A 87 -4.14 -10.85 18.85
CA ASP A 87 -4.18 -10.62 20.29
C ASP A 87 -3.08 -9.67 20.77
N GLN A 88 -1.96 -9.63 20.05
CA GLN A 88 -0.90 -8.70 20.44
C GLN A 88 -1.39 -7.27 20.34
N LEU A 89 -2.18 -6.99 19.30
CA LEU A 89 -2.71 -5.64 19.12
C LEU A 89 -3.78 -5.37 20.20
N VAL A 90 -4.61 -6.35 20.46
CA VAL A 90 -5.63 -6.25 21.52
C VAL A 90 -5.02 -5.97 22.89
N GLN A 91 -4.02 -6.75 23.29
CA GLN A 91 -3.36 -6.53 24.58
C GLN A 91 -2.63 -5.20 24.64
N GLY A 92 -2.08 -4.75 23.52
CA GLY A 92 -1.40 -3.47 23.50
C GLY A 92 -2.38 -2.36 23.82
N CYS A 93 -3.57 -2.48 23.26
CA CYS A 93 -4.65 -1.53 23.50
C CYS A 93 -5.09 -1.59 24.96
N LEU A 94 -5.31 -2.80 25.47
CA LEU A 94 -5.79 -2.98 26.84
C LEU A 94 -4.75 -2.56 27.88
N SER A 95 -3.48 -2.71 27.55
CA SER A 95 -2.38 -2.37 28.46
C SER A 95 -2.31 -0.89 28.74
N LEU A 96 -2.90 -0.11 27.86
CA LEU A 96 -2.93 1.34 28.00
C LEU A 96 -4.13 1.81 28.83
N GLY A 97 -4.89 0.85 29.36
CA GLY A 97 -6.09 1.17 30.12
C GLY A 97 -7.30 1.50 29.26
N ALA A 98 -7.13 1.43 27.94
CA ALA A 98 -8.23 1.75 27.02
C ALA A 98 -9.22 0.61 26.92
N TYR A 99 -10.41 0.91 26.41
CA TYR A 99 -11.34 -0.09 25.92
C TYR A 99 -10.97 -0.43 24.49
N CYS A 100 -11.18 -1.68 24.10
CA CYS A 100 -10.71 -2.15 22.81
CA CYS A 100 -10.71 -2.16 22.81
C CYS A 100 -11.80 -2.89 22.06
N ILE A 101 -12.22 -2.32 20.93
CA ILE A 101 -13.30 -2.90 20.14
C ILE A 101 -12.76 -3.89 19.10
N VAL A 102 -13.14 -5.15 19.28
CA VAL A 102 -12.83 -6.19 18.31
C VAL A 102 -13.89 -6.08 17.22
N ASP A 103 -13.47 -5.71 16.02
CA ASP A 103 -14.43 -5.43 14.94
C ASP A 103 -14.24 -6.40 13.79
N ILE A 104 -15.26 -7.23 13.55
CA ILE A 104 -15.23 -8.16 12.43
C ILE A 104 -15.66 -7.40 11.17
N HIS A 105 -14.71 -7.16 10.27
CA HIS A 105 -14.93 -6.18 9.20
C HIS A 105 -15.52 -6.85 7.95
N ASN A 106 -16.73 -7.40 8.07
CA ASN A 106 -17.24 -8.28 7.00
C ASN A 106 -18.57 -7.96 6.32
N TYR A 107 -19.18 -6.84 6.67
CA TYR A 107 -20.39 -6.37 5.99
C TYR A 107 -21.51 -7.42 6.02
N ALA A 108 -21.54 -8.21 7.09
CA ALA A 108 -22.55 -9.24 7.31
C ALA A 108 -22.45 -10.36 6.29
N ARG A 109 -21.26 -10.51 5.72
CA ARG A 109 -21.08 -11.42 4.60
C ARG A 109 -19.80 -12.24 4.72
N TRP A 110 -19.78 -13.37 4.04
CA TRP A 110 -18.56 -14.13 3.83
C TRP A 110 -18.46 -14.44 2.35
N ASN A 111 -17.49 -13.85 1.67
CA ASN A 111 -17.30 -14.07 0.24
C ASN A 111 -18.58 -13.91 -0.57
N GLY A 112 -19.32 -12.84 -0.33
CA GLY A 112 -20.51 -12.55 -1.11
C GLY A 112 -21.81 -13.14 -0.54
N GLY A 113 -21.70 -14.06 0.42
CA GLY A 113 -22.88 -14.67 0.99
C GLY A 113 -23.28 -14.01 2.31
N ILE A 114 -24.56 -13.72 2.47
CA ILE A 114 -25.04 -13.03 3.68
C ILE A 114 -25.25 -14.01 4.82
N ILE A 115 -24.67 -13.71 5.98
CA ILE A 115 -24.83 -14.54 7.16
C ILE A 115 -26.31 -14.77 7.45
N GLY A 116 -26.71 -16.03 7.47
CA GLY A 116 -28.07 -16.41 7.81
C GLY A 116 -29.07 -16.16 6.70
N GLN A 117 -28.60 -15.69 5.55
CA GLN A 117 -29.49 -15.35 4.44
C GLN A 117 -28.91 -15.81 3.10
N GLY A 118 -28.42 -17.06 3.07
CA GLY A 118 -27.84 -17.62 1.87
C GLY A 118 -26.35 -17.90 2.00
N GLY A 119 -25.66 -17.13 2.83
CA GLY A 119 -24.24 -17.34 3.09
C GLY A 119 -24.08 -18.26 4.29
N PRO A 120 -23.06 -18.01 5.13
CA PRO A 120 -22.86 -18.82 6.34
C PRO A 120 -24.14 -18.93 7.17
N THR A 121 -24.28 -20.02 7.93
CA THR A 121 -25.44 -20.18 8.82
C THR A 121 -25.16 -19.39 10.07
N ASN A 122 -26.20 -19.12 10.86
CA ASN A 122 -26.02 -18.43 12.12
C ASN A 122 -24.99 -19.15 12.97
N ALA A 123 -25.03 -20.49 12.97
CA ALA A 123 -24.10 -21.27 13.79
C ALA A 123 -22.65 -21.08 13.37
N GLN A 124 -22.40 -20.89 12.08
CA GLN A 124 -21.03 -20.72 11.61
C GLN A 124 -20.47 -19.35 12.05
N PHE A 125 -21.36 -18.39 12.28
CA PHE A 125 -20.98 -17.05 12.71
C PHE A 125 -20.91 -16.98 14.24
N THR A 126 -21.86 -17.61 14.92
CA THR A 126 -21.84 -17.56 16.39
C THR A 126 -20.63 -18.35 16.90
N SER A 127 -20.25 -19.38 16.15
CA SER A 127 -19.04 -20.14 16.46
C SER A 127 -17.79 -19.24 16.52
N LEU A 128 -17.72 -18.26 15.62
CA LEU A 128 -16.62 -17.31 15.66
C LEU A 128 -16.68 -16.51 16.96
N TRP A 129 -17.84 -15.94 17.25
CA TRP A 129 -17.99 -15.09 18.42
C TRP A 129 -17.91 -15.85 19.74
N SER A 130 -18.33 -17.10 19.74
CA SER A 130 -18.27 -17.89 20.96
C SER A 130 -16.80 -18.08 21.36
N GLN A 131 -15.95 -18.33 20.37
CA GLN A 131 -14.54 -18.51 20.63
C GLN A 131 -13.86 -17.23 21.10
N LEU A 132 -14.17 -16.11 20.45
CA LEU A 132 -13.61 -14.83 20.87
C LEU A 132 -14.06 -14.48 22.30
N ALA A 133 -15.34 -14.71 22.59
CA ALA A 133 -15.87 -14.44 23.92
C ALA A 133 -15.17 -15.30 24.97
N SER A 134 -14.98 -16.57 24.66
CA SER A 134 -14.27 -17.46 25.59
C SER A 134 -12.85 -16.96 25.84
N LYS A 135 -12.16 -16.54 24.78
CA LYS A 135 -10.80 -16.04 24.93
C LYS A 135 -10.78 -14.79 25.81
N TYR A 136 -11.74 -13.90 25.62
CA TYR A 136 -11.71 -12.60 26.25
C TYR A 136 -12.64 -12.44 27.46
N ALA A 137 -13.25 -13.55 27.88
CA ALA A 137 -14.26 -13.50 28.94
C ALA A 137 -13.81 -12.74 30.19
N SER A 138 -12.54 -12.90 30.57
CA SER A 138 -12.04 -12.32 31.82
C SER A 138 -11.56 -10.89 31.66
N GLN A 139 -11.60 -10.35 30.44
CA GLN A 139 -11.12 -8.99 30.19
C GLN A 139 -12.27 -8.03 29.90
N SER A 140 -12.71 -7.29 30.92
CA SER A 140 -13.94 -6.50 30.82
C SER A 140 -13.83 -5.29 29.90
N ARG A 141 -12.63 -4.95 29.44
CA ARG A 141 -12.50 -3.77 28.59
C ARG A 141 -12.42 -4.12 27.09
N VAL A 142 -12.59 -5.40 26.79
CA VAL A 142 -12.78 -5.82 25.41
C VAL A 142 -14.24 -5.57 25.05
N TRP A 143 -14.46 -4.93 23.91
CA TRP A 143 -15.80 -4.54 23.49
C TRP A 143 -16.09 -5.37 22.25
N PHE A 144 -17.22 -6.08 22.21
CA PHE A 144 -17.49 -7.01 21.10
C PHE A 144 -18.23 -6.33 19.93
N GLY A 145 -17.49 -6.00 18.88
CA GLY A 145 -18.03 -5.33 17.71
C GLY A 145 -18.53 -6.33 16.68
N ILE A 146 -19.76 -6.77 16.89
CA ILE A 146 -20.32 -7.94 16.20
C ILE A 146 -20.08 -7.97 14.70
N MET A 147 -20.29 -6.85 14.02
CA MET A 147 -20.17 -6.82 12.58
C MET A 147 -20.06 -5.41 12.04
N ASN A 148 -19.13 -5.21 11.12
CA ASN A 148 -18.96 -3.93 10.46
C ASN A 148 -19.92 -3.78 9.28
N GLU A 149 -20.74 -2.73 9.32
CA GLU A 149 -21.52 -2.28 8.17
C GLU A 149 -22.36 -3.32 7.41
N PRO A 150 -23.29 -3.99 8.10
CA PRO A 150 -24.28 -4.75 7.36
C PRO A 150 -24.97 -3.83 6.38
N HIS A 151 -25.31 -4.35 5.21
CA HIS A 151 -26.03 -3.58 4.20
C HIS A 151 -26.83 -4.51 3.30
N ASP A 152 -27.97 -4.02 2.82
CA ASP A 152 -28.80 -4.79 1.92
C ASP A 152 -29.07 -6.19 2.48
N VAL A 153 -29.34 -6.28 3.77
CA VAL A 153 -29.78 -7.56 4.35
C VAL A 153 -31.22 -7.43 4.85
N ASN A 154 -31.88 -8.56 5.10
CA ASN A 154 -33.18 -8.57 5.76
C ASN A 154 -32.96 -8.23 7.23
N ILE A 155 -33.44 -7.08 7.66
CA ILE A 155 -33.15 -6.61 9.02
C ILE A 155 -33.77 -7.50 10.09
N ASN A 156 -34.89 -8.15 9.79
CA ASN A 156 -35.54 -9.00 10.78
C ASN A 156 -34.69 -10.23 11.02
N THR A 157 -34.26 -10.86 9.94
CA THR A 157 -33.39 -12.02 10.05
C THR A 157 -32.04 -11.64 10.68
N TRP A 158 -31.48 -10.51 10.27
CA TRP A 158 -30.22 -10.03 10.87
C TRP A 158 -30.32 -9.84 12.40
N ALA A 159 -31.39 -9.21 12.88
CA ALA A 159 -31.58 -9.03 14.31
C ALA A 159 -31.60 -10.35 15.08
N ALA A 160 -32.20 -11.37 14.50
CA ALA A 160 -32.18 -12.71 15.09
C ALA A 160 -30.76 -13.25 15.17
N THR A 161 -30.01 -13.08 14.08
CA THR A 161 -28.60 -13.48 14.04
C THR A 161 -27.85 -12.76 15.15
N VAL A 162 -28.05 -11.45 15.24
CA VAL A 162 -27.40 -10.66 16.27
C VAL A 162 -27.74 -11.19 17.67
N GLN A 163 -29.02 -11.52 17.89
CA GLN A 163 -29.44 -12.10 19.17
C GLN A 163 -28.71 -13.40 19.48
N GLU A 164 -28.58 -14.27 18.49
CA GLU A 164 -27.84 -15.52 18.68
C GLU A 164 -26.38 -15.24 19.07
N VAL A 165 -25.78 -14.23 18.46
CA VAL A 165 -24.40 -13.87 18.82
C VAL A 165 -24.31 -13.36 20.26
N VAL A 166 -25.17 -12.43 20.63
CA VAL A 166 -25.18 -11.94 22.01
C VAL A 166 -25.34 -13.10 23.01
N THR A 167 -26.24 -14.03 22.71
CA THR A 167 -26.43 -15.17 23.59
C THR A 167 -25.16 -16.00 23.68
N ALA A 168 -24.49 -16.20 22.55
CA ALA A 168 -23.26 -16.98 22.54
C ALA A 168 -22.17 -16.31 23.37
N ILE A 169 -22.07 -14.99 23.25
CA ILE A 169 -21.02 -14.26 23.92
C ILE A 169 -21.21 -14.35 25.44
N ARG A 170 -22.44 -14.16 25.89
CA ARG A 170 -22.75 -14.21 27.32
C ARG A 170 -22.58 -15.63 27.88
N ASN A 171 -23.08 -16.63 27.16
CA ASN A 171 -22.96 -18.02 27.57
C ASN A 171 -21.52 -18.51 27.63
N ALA A 172 -20.62 -17.85 26.90
CA ALA A 172 -19.21 -18.23 26.92
C ALA A 172 -18.49 -17.63 28.13
N GLY A 173 -19.20 -16.83 28.92
CA GLY A 173 -18.61 -16.26 30.11
C GLY A 173 -18.27 -14.77 30.01
N ALA A 174 -18.44 -14.18 28.82
CA ALA A 174 -18.17 -12.76 28.66
C ALA A 174 -19.38 -11.94 29.08
N THR A 175 -19.57 -11.81 30.38
CA THR A 175 -20.81 -11.27 30.93
C THR A 175 -20.69 -9.82 31.32
N SER A 176 -19.47 -9.30 31.42
CA SER A 176 -19.27 -7.93 31.89
C SER A 176 -19.11 -6.92 30.74
N GLN A 177 -18.85 -7.42 29.53
CA GLN A 177 -18.37 -6.56 28.45
C GLN A 177 -19.50 -5.84 27.70
N PHE A 178 -19.16 -4.69 27.11
CA PHE A 178 -20.03 -4.04 26.12
C PHE A 178 -20.11 -4.90 24.85
N ILE A 179 -21.29 -4.90 24.24
CA ILE A 179 -21.49 -5.57 22.96
C ILE A 179 -22.19 -4.61 22.00
N SER A 180 -21.68 -4.47 20.78
CA SER A 180 -22.28 -3.62 19.76
C SER A 180 -23.46 -4.29 19.08
N LEU A 181 -24.50 -3.51 18.79
CA LEU A 181 -25.60 -3.96 17.94
C LEU A 181 -25.61 -3.14 16.64
N PRO A 182 -25.12 -3.72 15.54
CA PRO A 182 -25.07 -2.95 14.28
C PRO A 182 -26.27 -3.15 13.37
N GLY A 183 -26.74 -2.07 12.75
CA GLY A 183 -27.91 -2.11 11.89
C GLY A 183 -27.59 -2.08 10.40
N ASN A 184 -28.64 -1.94 9.60
CA ASN A 184 -28.57 -1.94 8.14
C ASN A 184 -28.02 -0.64 7.57
N ASP A 185 -28.04 -0.52 6.25
CA ASP A 185 -27.59 0.70 5.58
C ASP A 185 -26.17 1.12 6.00
N TRP A 186 -25.26 0.16 6.02
CA TRP A 186 -23.86 0.41 6.35
C TRP A 186 -23.75 1.06 7.74
N GLN A 187 -24.65 0.68 8.64
CA GLN A 187 -24.67 1.23 9.99
C GLN A 187 -24.91 2.73 10.07
N SER A 188 -25.41 3.33 8.99
CA SER A 188 -25.59 4.79 9.00
C SER A 188 -26.49 5.27 10.14
N ALA A 189 -25.98 6.25 10.88
CA ALA A 189 -26.74 6.86 11.95
C ALA A 189 -27.98 7.55 11.39
N GLY A 190 -27.90 8.00 10.15
CA GLY A 190 -29.02 8.68 9.51
C GLY A 190 -30.21 7.78 9.19
N ALA A 191 -29.93 6.51 8.93
CA ALA A 191 -30.98 5.57 8.50
C ALA A 191 -31.37 4.61 9.63
N PHE A 192 -30.69 4.72 10.77
CA PHE A 192 -30.78 3.72 11.82
C PHE A 192 -32.21 3.50 12.31
N ILE A 193 -32.97 4.58 12.46
CA ILE A 193 -34.36 4.45 12.92
C ILE A 193 -35.29 4.20 11.74
N SER A 194 -35.17 5.02 10.71
CA SER A 194 -36.10 4.96 9.58
C SER A 194 -36.08 3.62 8.82
N ASP A 195 -34.93 2.94 8.77
CA ASP A 195 -34.87 1.65 8.06
C ASP A 195 -35.25 0.46 8.93
N GLY A 196 -35.69 0.74 10.16
CA GLY A 196 -36.21 -0.29 11.04
C GLY A 196 -35.18 -1.04 11.88
N SER A 197 -33.92 -0.66 11.76
CA SER A 197 -32.84 -1.30 12.51
C SER A 197 -32.98 -1.05 14.00
N ALA A 198 -33.24 0.20 14.36
CA ALA A 198 -33.41 0.54 15.77
C ALA A 198 -34.47 -0.34 16.43
N ALA A 199 -35.63 -0.45 15.80
CA ALA A 199 -36.73 -1.22 16.40
C ALA A 199 -36.37 -2.71 16.51
N ALA A 200 -35.87 -3.27 15.42
CA ALA A 200 -35.52 -4.69 15.41
C ALA A 200 -34.44 -5.00 16.46
N LEU A 201 -33.38 -4.20 16.49
CA LEU A 201 -32.27 -4.46 17.41
C LEU A 201 -32.62 -4.18 18.87
N SER A 202 -33.63 -3.33 19.08
CA SER A 202 -34.10 -3.07 20.45
C SER A 202 -34.63 -4.31 21.16
N GLN A 203 -34.94 -5.35 20.40
CA GLN A 203 -35.54 -6.57 20.97
C GLN A 203 -34.47 -7.55 21.45
N VAL A 204 -33.20 -7.25 21.15
CA VAL A 204 -32.10 -8.14 21.52
C VAL A 204 -31.81 -7.97 23.01
N THR A 205 -31.65 -9.09 23.73
CA THR A 205 -31.40 -9.02 25.15
C THR A 205 -30.32 -9.99 25.58
N ASN A 206 -29.76 -9.76 26.76
CA ASN A 206 -28.93 -10.73 27.45
C ASN A 206 -29.82 -11.89 27.90
N PRO A 207 -29.20 -13.04 28.22
CA PRO A 207 -29.95 -14.19 28.72
C PRO A 207 -30.91 -13.85 29.86
N ASP A 208 -30.53 -12.93 30.74
CA ASP A 208 -31.38 -12.57 31.87
C ASP A 208 -32.55 -11.65 31.49
N GLY A 209 -32.69 -11.37 30.20
CA GLY A 209 -33.75 -10.50 29.72
C GLY A 209 -33.47 -9.01 29.71
N SER A 210 -32.33 -8.60 30.28
CA SER A 210 -31.94 -7.18 30.29
C SER A 210 -31.33 -6.75 28.95
N THR A 211 -31.16 -5.44 28.77
CA THR A 211 -30.42 -4.93 27.62
C THR A 211 -29.12 -4.29 28.08
N THR A 212 -28.75 -4.59 29.32
CA THR A 212 -27.55 -4.04 29.93
C THR A 212 -26.30 -4.26 29.07
N ASN A 213 -25.58 -3.17 28.82
CA ASN A 213 -24.31 -3.19 28.09
C ASN A 213 -24.43 -3.59 26.62
N LEU A 214 -25.63 -3.48 26.07
CA LEU A 214 -25.86 -3.73 24.66
C LEU A 214 -26.05 -2.37 24.05
N ILE A 215 -25.06 -1.96 23.26
CA ILE A 215 -24.98 -0.59 22.80
C ILE A 215 -25.20 -0.52 21.30
N PHE A 216 -26.06 0.39 20.85
CA PHE A 216 -26.27 0.53 19.41
C PHE A 216 -25.01 1.09 18.76
N ASP A 217 -24.60 0.49 17.66
CA ASP A 217 -23.31 0.85 17.02
C ASP A 217 -23.63 1.52 15.68
N VAL A 218 -23.35 2.82 15.55
CA VAL A 218 -23.60 3.50 14.29
C VAL A 218 -22.32 4.09 13.67
N HIS A 219 -22.39 4.37 12.37
CA HIS A 219 -21.34 5.03 11.61
C HIS A 219 -21.92 6.27 10.95
N LYS A 220 -21.09 7.28 10.70
CA LYS A 220 -21.56 8.42 9.92
C LYS A 220 -20.38 9.22 9.39
N TYR A 221 -20.39 9.47 8.09
CA TYR A 221 -19.37 10.30 7.47
C TYR A 221 -19.92 11.67 7.13
N LEU A 222 -19.04 12.57 6.69
CA LEU A 222 -19.41 13.97 6.61
C LEU A 222 -19.33 14.51 5.18
N ASP A 223 -18.99 13.64 4.24
CA ASP A 223 -18.95 14.06 2.85
C ASP A 223 -20.31 13.94 2.18
N SER A 224 -20.42 14.44 0.95
CA SER A 224 -21.70 14.58 0.26
C SER A 224 -22.52 13.29 0.12
N ASP A 225 -21.88 12.14 0.02
CA ASP A 225 -22.61 10.87 -0.14
C ASP A 225 -22.43 9.91 1.04
N ASN A 226 -21.99 10.43 2.19
CA ASN A 226 -21.85 9.62 3.39
C ASN A 226 -20.98 8.38 3.21
N SER A 227 -19.93 8.51 2.40
CA SER A 227 -19.07 7.38 2.06
C SER A 227 -17.69 7.47 2.72
N GLY A 228 -17.35 8.65 3.21
CA GLY A 228 -16.01 8.87 3.74
C GLY A 228 -14.90 8.72 2.71
N THR A 229 -15.21 8.98 1.44
CA THR A 229 -14.22 8.84 0.37
C THR A 229 -13.74 10.18 -0.20
N HIS A 230 -14.37 11.28 0.22
CA HIS A 230 -13.96 12.60 -0.23
C HIS A 230 -13.29 13.34 0.91
N ALA A 231 -12.34 14.21 0.57
CA ALA A 231 -11.65 15.03 1.55
C ALA A 231 -12.59 16.04 2.20
N GLU A 232 -13.43 16.69 1.39
CA GLU A 232 -14.23 17.81 1.87
C GLU A 232 -15.45 17.34 2.67
N CYS A 233 -15.81 18.10 3.70
CA CYS A 233 -17.02 17.82 4.46
C CYS A 233 -18.13 18.79 4.08
N THR A 234 -19.37 18.31 4.13
CA THR A 234 -20.51 19.08 3.66
C THR A 234 -21.63 19.12 4.71
N THR A 235 -21.42 18.45 5.84
CA THR A 235 -22.45 18.39 6.88
C THR A 235 -21.83 18.08 8.23
N ASN A 236 -22.50 18.51 9.30
CA ASN A 236 -22.11 18.12 10.65
C ASN A 236 -23.02 17.01 11.21
N ASN A 237 -23.98 16.57 10.39
CA ASN A 237 -24.84 15.43 10.70
C ASN A 237 -25.82 15.60 11.86
N ILE A 238 -25.92 16.81 12.40
CA ILE A 238 -26.77 17.01 13.57
C ILE A 238 -28.27 16.93 13.26
N ASP A 239 -28.74 17.75 12.32
CA ASP A 239 -30.15 17.76 11.97
C ASP A 239 -30.58 16.44 11.34
N GLY A 240 -29.74 15.90 10.47
CA GLY A 240 -30.09 14.72 9.69
C GLY A 240 -29.93 13.40 10.41
N ALA A 241 -29.08 13.34 11.43
CA ALA A 241 -28.84 12.07 12.09
C ALA A 241 -28.81 12.12 13.61
N PHE A 242 -27.92 12.92 14.18
CA PHE A 242 -27.64 12.77 15.60
C PHE A 242 -28.66 13.41 16.55
N SER A 243 -29.37 14.44 16.10
CA SER A 243 -30.45 15.01 16.92
C SER A 243 -31.63 14.03 17.05
N PRO A 244 -32.20 13.59 15.91
CA PRO A 244 -33.29 12.60 15.98
C PRO A 244 -32.86 11.34 16.72
N LEU A 245 -31.61 10.92 16.54
CA LEU A 245 -31.16 9.71 17.21
C LEU A 245 -31.06 9.92 18.73
N ALA A 246 -30.51 11.06 19.15
CA ALA A 246 -30.41 11.38 20.57
C ALA A 246 -31.79 11.31 21.25
N THR A 247 -32.77 11.93 20.61
CA THR A 247 -34.14 11.95 21.13
C THR A 247 -34.66 10.54 21.30
N TRP A 248 -34.51 9.73 20.26
CA TRP A 248 -34.96 8.35 20.28
C TRP A 248 -34.26 7.55 21.39
N LEU A 249 -32.93 7.66 21.44
CA LEU A 249 -32.16 6.99 22.47
C LEU A 249 -32.61 7.38 23.86
N ARG A 250 -32.85 8.67 24.06
CA ARG A 250 -33.11 9.18 25.39
C ARG A 250 -34.49 8.74 25.87
N GLN A 251 -35.47 8.80 24.98
CA GLN A 251 -36.81 8.33 25.31
C GLN A 251 -36.81 6.84 25.64
N ASN A 252 -35.90 6.09 25.02
CA ASN A 252 -35.85 4.65 25.22
C ASN A 252 -34.84 4.21 26.25
N ASN A 253 -34.18 5.18 26.89
CA ASN A 253 -33.16 4.88 27.88
C ASN A 253 -32.09 3.92 27.35
N ARG A 254 -31.69 4.14 26.11
CA ARG A 254 -30.62 3.35 25.52
C ARG A 254 -29.45 4.23 25.11
N GLN A 255 -28.36 3.62 24.67
CA GLN A 255 -27.15 4.35 24.31
C GLN A 255 -26.58 3.85 23.00
N ALA A 256 -25.81 4.70 22.33
CA ALA A 256 -25.16 4.36 21.07
C ALA A 256 -23.71 4.82 21.08
N ILE A 257 -22.89 4.19 20.26
CA ILE A 257 -21.53 4.63 20.06
C ILE A 257 -21.30 4.80 18.56
N LEU A 258 -20.59 5.86 18.18
CA LEU A 258 -20.23 6.12 16.80
C LEU A 258 -18.85 5.52 16.56
N THR A 259 -18.80 4.33 15.96
CA THR A 259 -17.55 3.59 15.82
C THR A 259 -16.77 3.91 14.55
N GLU A 260 -17.38 4.67 13.64
CA GLU A 260 -16.64 5.19 12.49
C GLU A 260 -17.13 6.57 12.11
N THR A 261 -16.20 7.51 12.06
CA THR A 261 -16.49 8.83 11.54
C THR A 261 -15.15 9.43 11.14
N GLY A 262 -15.16 10.38 10.22
CA GLY A 262 -13.90 10.95 9.77
C GLY A 262 -14.08 11.94 8.64
N GLY A 263 -12.98 12.56 8.22
CA GLY A 263 -13.00 13.46 7.09
C GLY A 263 -11.60 13.85 6.67
N GLY A 264 -11.50 14.64 5.62
CA GLY A 264 -10.20 15.13 5.17
C GLY A 264 -9.55 16.01 6.21
N ASN A 265 -8.24 16.18 6.10
CA ASN A 265 -7.53 17.10 6.96
C ASN A 265 -7.56 18.49 6.34
N VAL A 266 -8.76 19.06 6.25
CA VAL A 266 -9.01 20.32 5.57
C VAL A 266 -10.00 21.15 6.37
N GLN A 267 -10.06 22.45 6.08
CA GLN A 267 -10.86 23.40 6.87
C GLN A 267 -12.34 23.02 6.98
N SER A 268 -12.95 22.59 5.88
CA SER A 268 -14.37 22.22 5.91
C SER A 268 -14.68 21.15 6.95
N CYS A 269 -13.77 20.17 7.09
CA CYS A 269 -13.96 19.10 8.05
C CYS A 269 -13.57 19.51 9.47
N ILE A 270 -12.55 20.36 9.58
CA ILE A 270 -12.19 20.91 10.88
C ILE A 270 -13.40 21.63 11.47
N GLN A 271 -14.16 22.31 10.63
CA GLN A 271 -15.37 22.97 11.11
CA GLN A 271 -15.38 22.98 11.07
C GLN A 271 -16.50 21.97 11.38
N ASP A 272 -16.85 21.15 10.39
CA ASP A 272 -17.97 20.23 10.51
C ASP A 272 -17.76 19.11 11.53
N MET A 273 -16.56 18.56 11.59
CA MET A 273 -16.29 17.49 12.54
C MET A 273 -16.34 18.02 13.95
N CYS A 274 -15.86 19.25 14.16
CA CYS A 274 -15.87 19.79 15.50
C CYS A 274 -17.29 20.09 15.96
N GLN A 275 -18.14 20.55 15.05
CA GLN A 275 -19.57 20.71 15.34
C GLN A 275 -20.21 19.37 15.69
N GLN A 276 -19.87 18.34 14.92
CA GLN A 276 -20.44 17.02 15.15
C GLN A 276 -20.06 16.52 16.54
N ILE A 277 -18.76 16.57 16.83
CA ILE A 277 -18.23 16.09 18.11
C ILE A 277 -18.81 16.89 19.26
N GLN A 278 -18.97 18.19 19.08
CA GLN A 278 -19.51 19.01 20.14
C GLN A 278 -20.92 18.56 20.49
N TYR A 279 -21.71 18.24 19.46
CA TYR A 279 -23.08 17.80 19.70
C TYR A 279 -23.12 16.46 20.42
N LEU A 280 -22.21 15.56 20.07
CA LEU A 280 -22.13 14.28 20.78
C LEU A 280 -21.77 14.52 22.24
N ASN A 281 -20.80 15.40 22.46
CA ASN A 281 -20.39 15.72 23.83
C ASN A 281 -21.51 16.37 24.66
N GLN A 282 -22.36 17.15 24.01
CA GLN A 282 -23.50 17.77 24.70
C GLN A 282 -24.66 16.80 24.89
N ASN A 283 -24.52 15.59 24.35
CA ASN A 283 -25.52 14.53 24.51
C ASN A 283 -24.88 13.25 25.00
N SER A 284 -24.03 13.37 26.01
CA SER A 284 -23.20 12.25 26.47
C SER A 284 -23.97 11.30 27.35
N ASP A 285 -25.23 11.62 27.64
CA ASP A 285 -26.08 10.67 28.34
C ASP A 285 -26.49 9.52 27.42
N VAL A 286 -26.69 9.82 26.14
CA VAL A 286 -27.06 8.78 25.17
C VAL A 286 -25.90 8.35 24.24
N TYR A 287 -24.93 9.22 24.04
CA TYR A 287 -23.76 8.82 23.25
C TYR A 287 -22.59 8.42 24.15
N LEU A 288 -22.09 7.20 23.97
CA LEU A 288 -21.01 6.67 24.81
C LEU A 288 -19.64 7.04 24.28
N GLY A 289 -19.55 7.38 23.00
CA GLY A 289 -18.26 7.74 22.44
C GLY A 289 -18.23 7.91 20.94
N TYR A 290 -17.07 8.32 20.44
CA TYR A 290 -16.83 8.43 19.00
C TYR A 290 -15.46 7.85 18.68
N VAL A 291 -15.34 7.26 17.50
CA VAL A 291 -14.07 6.66 17.05
C VAL A 291 -13.75 7.09 15.63
N GLY A 292 -12.63 7.77 15.44
CA GLY A 292 -12.27 8.30 14.14
C GLY A 292 -11.75 7.22 13.20
N TRP A 293 -11.96 7.43 11.90
CA TRP A 293 -11.39 6.57 10.85
C TRP A 293 -10.51 7.42 9.93
N GLY A 294 -9.22 7.07 9.79
CA GLY A 294 -8.63 5.89 10.40
C GLY A 294 -7.11 6.03 10.51
N ALA A 295 -6.53 5.34 11.48
CA ALA A 295 -5.07 5.33 11.65
C ALA A 295 -4.57 3.90 11.51
N GLY A 296 -3.51 3.54 12.24
CA GLY A 296 -2.95 2.20 12.10
C GLY A 296 -2.09 2.16 10.84
N SER A 297 -2.44 1.27 9.92
CA SER A 297 -1.61 1.04 8.73
C SER A 297 -1.89 2.01 7.57
N PHE A 298 -2.85 2.90 7.74
CA PHE A 298 -3.01 4.00 6.78
C PHE A 298 -1.83 4.96 6.91
N ASP A 299 -1.38 5.53 5.80
CA ASP A 299 -0.28 6.49 5.87
C ASP A 299 -0.71 7.88 5.41
N SER A 300 0.26 8.76 5.20
CA SER A 300 -0.01 10.17 4.97
C SER A 300 -0.83 10.43 3.70
N THR A 301 -0.93 9.43 2.83
CA THR A 301 -1.56 9.62 1.53
C THR A 301 -3.05 9.24 1.54
N TYR A 302 -3.48 8.58 2.60
CA TYR A 302 -4.88 8.20 2.71
C TYR A 302 -5.74 9.43 2.92
N VAL A 303 -6.83 9.54 2.17
CA VAL A 303 -7.66 10.74 2.20
C VAL A 303 -8.26 11.02 3.58
N LEU A 304 -8.57 9.98 4.34
CA LEU A 304 -9.08 10.20 5.70
C LEU A 304 -8.05 9.84 6.78
N THR A 305 -6.77 10.05 6.47
CA THR A 305 -5.74 9.60 7.40
C THR A 305 -5.84 10.32 8.75
N GLU A 306 -5.70 9.55 9.83
CA GLU A 306 -5.60 10.09 11.18
C GLU A 306 -4.31 9.57 11.83
N THR A 307 -3.44 8.97 11.02
CA THR A 307 -2.20 8.38 11.52
C THR A 307 -1.23 9.48 11.91
N PRO A 308 -0.73 9.45 13.17
CA PRO A 308 0.25 10.45 13.57
C PRO A 308 1.59 10.15 12.92
N THR A 309 2.46 11.15 12.84
CA THR A 309 3.80 10.96 12.29
C THR A 309 4.86 10.92 13.39
N SER A 310 5.75 9.93 13.33
CA SER A 310 6.84 9.84 14.30
C SER A 310 8.08 10.53 13.77
N SER A 311 8.67 11.40 14.58
CA SER A 311 9.89 12.09 14.21
C SER A 311 10.78 12.24 15.44
N GLY A 312 11.79 11.38 15.54
CA GLY A 312 12.71 11.43 16.67
C GLY A 312 12.01 11.29 18.02
N ASN A 313 11.34 10.16 18.23
CA ASN A 313 10.64 9.90 19.49
C ASN A 313 9.53 10.90 19.77
N SER A 314 9.15 11.67 18.76
CA SER A 314 8.01 12.57 18.87
C SER A 314 6.96 12.22 17.83
N TRP A 315 5.69 12.34 18.23
CA TRP A 315 4.59 12.15 17.28
C TRP A 315 3.92 13.47 16.99
N THR A 316 3.49 13.65 15.75
CA THR A 316 2.68 14.79 15.36
C THR A 316 1.38 14.28 14.75
N ASP A 317 0.25 14.84 15.17
CA ASP A 317 -1.06 14.39 14.69
C ASP A 317 -1.46 15.08 13.39
N THR A 318 -2.40 14.48 12.66
CA THR A 318 -2.97 15.16 11.50
C THR A 318 -3.81 16.33 12.01
N SER A 319 -4.18 17.25 11.12
CA SER A 319 -4.90 18.43 11.57
C SER A 319 -6.30 18.11 12.11
N LEU A 320 -6.99 17.14 11.52
CA LEU A 320 -8.34 16.80 11.98
C LEU A 320 -8.29 16.17 13.37
N VAL A 321 -7.34 15.27 13.59
CA VAL A 321 -7.20 14.66 14.91
C VAL A 321 -6.86 15.73 15.95
N SER A 322 -5.81 16.49 15.66
CA SER A 322 -5.31 17.52 16.58
C SER A 322 -6.39 18.55 16.89
N SER A 323 -7.10 19.01 15.87
CA SER A 323 -8.10 20.06 16.03
C SER A 323 -9.45 19.58 16.56
N CYS A 324 -9.83 18.33 16.30
CA CYS A 324 -11.21 17.90 16.57
CA CYS A 324 -11.21 17.90 16.57
C CYS A 324 -11.39 16.65 17.42
N LEU A 325 -10.57 15.63 17.20
CA LEU A 325 -10.77 14.37 17.90
C LEU A 325 -10.07 14.32 19.24
N ALA A 326 -8.86 14.88 19.29
CA ALA A 326 -8.00 14.80 20.46
C ALA A 326 -8.64 15.49 21.66
N ARG A 327 -8.32 15.01 22.85
CA ARG A 327 -8.74 15.66 24.08
C ARG A 327 -7.50 16.01 24.87
N LYS A 328 -6.92 17.17 24.58
CA LYS A 328 -5.71 17.58 25.29
C LYS A 328 -6.05 18.45 26.50
N GLY A 329 -7.34 18.76 26.68
CA GLY A 329 -7.79 19.53 27.82
C GLY A 329 -7.64 18.80 29.13
N MET B 1 4.58 -17.79 -23.55
CA MET B 1 5.53 -18.85 -23.22
C MET B 1 6.50 -18.36 -22.16
N GLY B 2 7.44 -17.52 -22.60
CA GLY B 2 8.40 -16.83 -21.73
C GLY B 2 7.89 -15.46 -21.30
N VAL B 3 8.72 -14.73 -20.56
CA VAL B 3 8.31 -13.43 -20.05
C VAL B 3 8.03 -12.51 -21.23
N ARG B 4 7.14 -11.55 -21.03
CA ARG B 4 6.76 -10.67 -22.12
C ARG B 4 7.91 -9.80 -22.62
N PHE B 5 8.71 -9.28 -21.69
CA PHE B 5 9.72 -8.28 -22.04
C PHE B 5 11.15 -8.77 -21.81
N ALA B 6 11.97 -8.64 -22.84
CA ALA B 6 13.37 -9.00 -22.76
C ALA B 6 14.11 -7.84 -23.38
N GLY B 7 15.15 -7.37 -22.71
CA GLY B 7 15.92 -6.26 -23.24
C GLY B 7 17.14 -5.94 -22.40
N VAL B 8 17.62 -4.71 -22.54
CA VAL B 8 18.87 -4.33 -21.92
C VAL B 8 18.82 -2.86 -21.53
N ASN B 9 19.67 -2.51 -20.57
CA ASN B 9 19.89 -1.12 -20.19
C ASN B 9 20.84 -0.44 -21.18
N ILE B 10 20.41 0.71 -21.71
CA ILE B 10 21.20 1.51 -22.63
C ILE B 10 21.72 2.69 -21.82
N ALA B 11 22.87 2.52 -21.19
CA ALA B 11 23.34 3.47 -20.17
C ALA B 11 24.16 4.63 -20.76
N GLY B 12 24.38 5.66 -19.95
CA GLY B 12 25.19 6.81 -20.38
C GLY B 12 24.67 8.14 -19.86
N PHE B 13 23.36 8.36 -19.95
CA PHE B 13 22.78 9.57 -19.37
C PHE B 13 22.96 9.56 -17.85
N ASP B 14 23.41 8.43 -17.33
CA ASP B 14 23.57 8.29 -15.89
C ASP B 14 25.04 8.26 -15.47
N PHE B 15 25.95 8.32 -16.43
CA PHE B 15 27.36 8.35 -16.05
C PHE B 15 27.60 9.59 -15.23
N GLY B 16 28.35 9.45 -14.14
CA GLY B 16 28.53 10.55 -13.22
C GLY B 16 27.62 10.45 -12.00
N CYS B 17 26.71 9.47 -11.98
CA CYS B 17 25.88 9.24 -10.80
C CYS B 17 26.53 8.23 -9.86
N THR B 18 26.56 8.55 -8.59
CA THR B 18 27.09 7.63 -7.58
C THR B 18 25.97 7.22 -6.61
N THR B 19 26.27 6.24 -5.75
CA THR B 19 25.22 5.60 -4.95
C THR B 19 24.66 6.49 -3.85
N ASP B 20 25.25 7.68 -3.66
CA ASP B 20 24.73 8.64 -2.69
C ASP B 20 23.70 9.59 -3.31
N GLY B 21 23.35 9.35 -4.57
CA GLY B 21 22.41 10.23 -5.24
C GLY B 21 23.04 11.50 -5.82
N THR B 22 24.37 11.58 -5.81
CA THR B 22 25.04 12.68 -6.51
C THR B 22 25.25 12.32 -7.97
N CYS B 23 24.66 13.11 -8.86
CA CYS B 23 24.93 13.00 -10.29
C CYS B 23 25.64 14.27 -10.77
N VAL B 24 26.90 14.14 -11.16
CA VAL B 24 27.66 15.25 -11.70
C VAL B 24 27.30 15.41 -13.18
N THR B 25 26.55 16.45 -13.51
CA THR B 25 26.01 16.52 -14.87
C THR B 25 27.07 16.70 -15.95
N SER B 26 28.21 17.26 -15.59
CA SER B 26 29.27 17.45 -16.57
C SER B 26 29.84 16.10 -17.01
N LYS B 27 29.56 15.04 -16.26
CA LYS B 27 30.15 13.74 -16.57
C LYS B 27 29.24 12.77 -17.34
N VAL B 28 28.05 13.21 -17.75
CA VAL B 28 27.21 12.31 -18.56
C VAL B 28 27.94 11.97 -19.86
N TYR B 29 27.68 10.77 -20.38
CA TYR B 29 28.23 10.36 -21.66
C TYR B 29 27.11 9.64 -22.39
N PRO B 30 26.12 10.40 -22.87
CA PRO B 30 24.88 9.80 -23.38
C PRO B 30 25.11 8.96 -24.64
N PRO B 31 24.38 7.84 -24.77
CA PRO B 31 24.48 6.95 -25.92
C PRO B 31 23.65 7.46 -27.11
N LEU B 32 23.86 8.71 -27.48
CA LEU B 32 23.31 9.26 -28.71
C LEU B 32 24.49 9.66 -29.59
N LYS B 33 24.56 9.05 -30.77
CA LYS B 33 25.75 9.16 -31.60
C LYS B 33 26.18 10.60 -31.87
N ASN B 34 25.22 11.45 -32.21
CA ASN B 34 25.53 12.84 -32.51
C ASN B 34 25.13 13.80 -31.39
N PHE B 35 25.34 13.39 -30.15
CA PHE B 35 25.00 14.19 -28.98
C PHE B 35 25.64 15.59 -28.98
N THR B 36 26.85 15.71 -29.51
CA THR B 36 27.55 16.99 -29.48
C THR B 36 27.89 17.55 -30.86
N GLY B 37 27.65 16.77 -31.91
CA GLY B 37 28.07 17.19 -33.23
C GLY B 37 29.34 16.50 -33.69
N SER B 38 30.05 15.86 -32.76
CA SER B 38 31.23 15.08 -33.11
C SER B 38 30.82 13.82 -33.87
N ASN B 39 29.56 13.45 -33.72
CA ASN B 39 29.02 12.23 -34.32
C ASN B 39 29.79 10.96 -33.96
N ASN B 40 30.38 10.92 -32.78
CA ASN B 40 31.04 9.70 -32.36
C ASN B 40 30.87 9.39 -30.88
N TYR B 41 29.77 9.87 -30.30
CA TYR B 41 29.34 9.34 -29.01
C TYR B 41 28.79 7.95 -29.26
N PRO B 42 28.60 7.14 -28.21
CA PRO B 42 28.10 5.78 -28.41
C PRO B 42 26.74 5.77 -29.10
N ASP B 43 26.52 4.78 -29.95
CA ASP B 43 25.35 4.74 -30.81
C ASP B 43 24.23 3.91 -30.19
N GLY B 44 23.58 4.46 -29.16
CA GLY B 44 22.55 3.74 -28.43
C GLY B 44 21.37 3.36 -29.29
N ILE B 45 21.00 4.23 -30.23
CA ILE B 45 19.84 3.97 -31.06
C ILE B 45 20.13 2.86 -32.06
N GLY B 46 21.34 2.87 -32.62
CA GLY B 46 21.78 1.81 -33.49
C GLY B 46 21.87 0.48 -32.75
N GLN B 47 22.31 0.53 -31.49
CA GLN B 47 22.34 -0.68 -30.67
C GLN B 47 20.93 -1.24 -30.50
N MET B 48 20.01 -0.38 -30.09
CA MET B 48 18.62 -0.81 -29.88
C MET B 48 18.00 -1.45 -31.14
N GLN B 49 18.31 -0.87 -32.30
CA GLN B 49 17.77 -1.38 -33.54
C GLN B 49 18.27 -2.82 -33.78
N HIS B 50 19.56 -3.03 -33.56
CA HIS B 50 20.12 -4.37 -33.59
C HIS B 50 19.43 -5.32 -32.60
N PHE B 51 19.30 -4.87 -31.35
CA PHE B 51 18.66 -5.69 -30.32
C PHE B 51 17.25 -6.09 -30.68
N VAL B 52 16.51 -5.17 -31.27
CA VAL B 52 15.12 -5.45 -31.64
C VAL B 52 15.05 -6.34 -32.89
N ASN B 53 15.83 -6.02 -33.90
CA ASN B 53 15.76 -6.73 -35.18
C ASN B 53 16.40 -8.11 -35.19
N GLU B 54 17.52 -8.25 -34.47
CA GLU B 54 18.28 -9.48 -34.51
C GLU B 54 18.11 -10.35 -33.24
N ASP B 55 17.83 -9.70 -32.11
CA ASP B 55 17.83 -10.41 -30.83
C ASP B 55 16.47 -10.50 -30.16
N GLY B 56 15.42 -10.14 -30.90
CA GLY B 56 14.05 -10.30 -30.43
C GLY B 56 13.72 -9.58 -29.15
N MET B 57 14.42 -8.48 -28.87
CA MET B 57 14.17 -7.71 -27.66
C MET B 57 13.05 -6.70 -27.80
N THR B 58 12.32 -6.49 -26.70
CA THR B 58 11.08 -5.71 -26.75
C THR B 58 11.02 -4.62 -25.68
N ILE B 59 12.07 -4.49 -24.89
CA ILE B 59 12.12 -3.43 -23.89
C ILE B 59 13.54 -2.89 -23.73
N PHE B 60 13.65 -1.59 -23.46
CA PHE B 60 14.93 -1.00 -23.06
C PHE B 60 14.74 -0.09 -21.87
N ARG B 61 15.76 -0.04 -21.03
CA ARG B 61 15.73 0.84 -19.88
C ARG B 61 16.75 1.93 -20.13
N LEU B 62 16.35 3.17 -19.88
CA LEU B 62 17.18 4.32 -20.21
C LEU B 62 17.51 5.14 -18.96
N PRO B 63 18.58 4.75 -18.25
CA PRO B 63 18.97 5.39 -17.01
C PRO B 63 19.36 6.84 -17.23
N VAL B 64 18.92 7.73 -16.36
CA VAL B 64 19.32 9.13 -16.45
C VAL B 64 19.32 9.77 -15.07
N GLY B 65 20.24 10.69 -14.86
CA GLY B 65 20.35 11.37 -13.58
C GLY B 65 19.27 12.40 -13.40
N TRP B 66 18.67 12.42 -12.22
CA TRP B 66 17.71 13.45 -11.86
C TRP B 66 18.30 14.85 -12.10
N GLN B 67 19.54 15.05 -11.65
CA GLN B 67 20.19 16.36 -11.77
C GLN B 67 20.29 16.78 -13.24
N TYR B 68 20.47 15.80 -14.12
CA TYR B 68 20.59 16.11 -15.53
C TYR B 68 19.28 16.69 -16.08
N LEU B 69 18.17 16.04 -15.76
CA LEU B 69 16.88 16.41 -16.35
C LEU B 69 16.45 17.81 -15.94
N VAL B 70 16.76 18.20 -14.72
CA VAL B 70 16.40 19.53 -14.26
C VAL B 70 17.61 20.48 -14.25
N ASN B 71 18.71 20.06 -14.88
CA ASN B 71 19.97 20.81 -14.85
C ASN B 71 20.29 21.37 -13.46
N ASN B 72 20.32 20.49 -12.46
CA ASN B 72 20.67 20.86 -11.09
C ASN B 72 19.70 21.80 -10.35
N ASN B 73 18.54 22.06 -10.94
CA ASN B 73 17.52 22.89 -10.29
CA ASN B 73 17.52 22.89 -10.31
C ASN B 73 16.49 22.01 -9.59
N LEU B 74 16.78 21.67 -8.33
CA LEU B 74 15.91 20.77 -7.55
C LEU B 74 14.50 21.33 -7.41
N GLY B 75 13.52 20.54 -7.83
CA GLY B 75 12.12 20.94 -7.77
C GLY B 75 11.74 21.86 -8.93
N GLY B 76 12.69 22.12 -9.82
CA GLY B 76 12.46 23.03 -10.94
C GLY B 76 11.82 22.40 -12.16
N ASN B 77 11.65 23.21 -13.20
CA ASN B 77 11.13 22.71 -14.46
C ASN B 77 12.20 21.87 -15.14
N LEU B 78 11.78 20.86 -15.89
CA LEU B 78 12.74 20.10 -16.68
C LEU B 78 13.53 21.10 -17.53
N ASP B 79 14.85 20.93 -17.58
CA ASP B 79 15.71 21.79 -18.42
C ASP B 79 15.45 21.47 -19.89
N SER B 80 15.21 22.50 -20.70
CA SER B 80 14.77 22.28 -22.06
C SER B 80 15.81 21.53 -22.91
N THR B 81 17.09 21.82 -22.69
CA THR B 81 18.11 21.10 -23.42
C THR B 81 18.15 19.63 -22.98
N SER B 82 18.23 19.43 -21.68
CA SER B 82 18.35 18.08 -21.13
C SER B 82 17.20 17.17 -21.59
N ILE B 83 15.97 17.65 -21.45
CA ILE B 83 14.82 16.80 -21.80
C ILE B 83 14.76 16.57 -23.30
N SER B 84 15.16 17.58 -24.07
CA SER B 84 15.20 17.45 -25.52
CA SER B 84 15.21 17.45 -25.53
C SER B 84 16.20 16.36 -25.97
N LYS B 85 17.38 16.35 -25.37
CA LYS B 85 18.39 15.34 -25.68
C LYS B 85 17.91 13.95 -25.22
N TYR B 86 17.47 13.86 -23.97
CA TYR B 86 17.00 12.58 -23.44
C TYR B 86 15.82 12.03 -24.24
N ASP B 87 14.92 12.92 -24.65
CA ASP B 87 13.76 12.47 -25.43
C ASP B 87 14.16 11.84 -26.76
N GLN B 88 15.30 12.24 -27.32
CA GLN B 88 15.75 11.63 -28.57
C GLN B 88 16.01 10.15 -28.37
N LEU B 89 16.57 9.80 -27.22
CA LEU B 89 16.84 8.39 -26.94
C LEU B 89 15.52 7.65 -26.69
N VAL B 90 14.63 8.29 -25.94
CA VAL B 90 13.30 7.73 -25.68
C VAL B 90 12.52 7.45 -26.96
N GLN B 91 12.47 8.43 -27.87
CA GLN B 91 11.74 8.25 -29.12
C GLN B 91 12.41 7.20 -30.02
N GLY B 92 13.74 7.12 -29.97
CA GLY B 92 14.43 6.10 -30.74
C GLY B 92 14.00 4.71 -30.30
N CYS B 93 13.87 4.54 -29.00
CA CYS B 93 13.41 3.30 -28.40
C CYS B 93 11.97 3.02 -28.79
N LEU B 94 11.11 4.01 -28.66
CA LEU B 94 9.68 3.84 -28.97
C LEU B 94 9.44 3.60 -30.47
N SER B 95 10.28 4.19 -31.31
CA SER B 95 10.11 4.08 -32.77
C SER B 95 10.32 2.65 -33.24
N LEU B 96 11.01 1.86 -32.43
CA LEU B 96 11.28 0.48 -32.76
C LEU B 96 10.16 -0.45 -32.29
N GLY B 97 9.09 0.13 -31.77
CA GLY B 97 7.98 -0.64 -31.23
C GLY B 97 8.21 -1.18 -29.83
N ALA B 98 9.37 -0.89 -29.25
CA ALA B 98 9.70 -1.38 -27.92
C ALA B 98 9.01 -0.58 -26.82
N TYR B 99 8.96 -1.17 -25.62
CA TYR B 99 8.66 -0.43 -24.41
C TYR B 99 9.93 0.22 -23.91
N CYS B 100 9.82 1.40 -23.32
CA CYS B 100 10.98 2.16 -22.89
CA CYS B 100 10.99 2.15 -22.88
CA CYS B 100 10.98 2.16 -22.89
C CYS B 100 10.84 2.60 -21.44
N ILE B 101 11.76 2.12 -20.59
CA ILE B 101 11.73 2.48 -19.17
C ILE B 101 12.57 3.74 -18.87
N VAL B 102 11.88 4.79 -18.46
CA VAL B 102 12.55 6.00 -18.01
C VAL B 102 12.99 5.74 -16.56
N ASP B 103 14.30 5.71 -16.33
CA ASP B 103 14.82 5.32 -15.01
C ASP B 103 15.60 6.45 -14.38
N ILE B 104 15.08 6.99 -13.28
CA ILE B 104 15.78 8.03 -12.53
C ILE B 104 16.84 7.35 -11.67
N HIS B 105 18.10 7.54 -12.02
CA HIS B 105 19.16 6.71 -11.44
C HIS B 105 19.73 7.36 -10.16
N ASN B 106 18.91 7.52 -9.13
CA ASN B 106 19.32 8.36 -7.99
C ASN B 106 19.34 7.76 -6.58
N TYR B 107 19.06 6.47 -6.44
CA TYR B 107 19.20 5.79 -5.15
C TYR B 107 18.36 6.46 -4.06
N ALA B 108 17.23 7.01 -4.46
CA ALA B 108 16.28 7.66 -3.55
C ALA B 108 16.87 8.91 -2.91
N ARG B 109 17.86 9.48 -3.57
CA ARG B 109 18.62 10.58 -2.98
C ARG B 109 18.91 11.71 -3.96
N TRP B 110 19.19 12.88 -3.40
CA TRP B 110 19.71 13.99 -4.20
C TRP B 110 20.91 14.52 -3.43
N ASN B 111 22.11 14.36 -3.98
CA ASN B 111 23.34 14.83 -3.35
C ASN B 111 23.45 14.43 -1.88
N GLY B 112 23.19 13.17 -1.58
CA GLY B 112 23.34 12.66 -0.23
C GLY B 112 22.11 12.77 0.64
N GLY B 113 21.11 13.53 0.20
CA GLY B 113 19.88 13.66 0.98
C GLY B 113 18.78 12.72 0.53
N ILE B 114 18.12 12.04 1.46
CA ILE B 114 17.08 11.09 1.09
C ILE B 114 15.73 11.77 0.81
N ILE B 115 15.14 11.46 -0.33
CA ILE B 115 13.85 12.04 -0.69
C ILE B 115 12.83 11.78 0.42
N GLY B 116 12.27 12.85 0.97
CA GLY B 116 11.24 12.75 1.99
C GLY B 116 11.76 12.41 3.37
N GLN B 117 13.07 12.29 3.51
CA GLN B 117 13.68 11.87 4.77
C GLN B 117 14.94 12.69 5.07
N GLY B 118 14.84 14.00 4.88
CA GLY B 118 15.96 14.88 5.16
C GLY B 118 16.49 15.57 3.90
N GLY B 119 16.34 14.91 2.76
CA GLY B 119 16.74 15.49 1.48
C GLY B 119 15.55 16.22 0.87
N PRO B 120 15.40 16.14 -0.47
CA PRO B 120 14.26 16.78 -1.14
C PRO B 120 12.94 16.40 -0.49
N THR B 121 11.94 17.27 -0.57
CA THR B 121 10.61 16.96 -0.06
C THR B 121 9.91 16.10 -1.09
N ASN B 122 8.82 15.43 -0.69
CA ASN B 122 8.05 14.64 -1.65
C ASN B 122 7.64 15.49 -2.84
N ALA B 123 7.23 16.74 -2.57
CA ALA B 123 6.77 17.62 -3.64
C ALA B 123 7.88 17.93 -4.67
N GLN B 124 9.13 18.00 -4.21
CA GLN B 124 10.22 18.31 -5.14
C GLN B 124 10.49 17.11 -6.07
N PHE B 125 10.13 15.93 -5.61
CA PHE B 125 10.32 14.70 -6.39
C PHE B 125 9.11 14.42 -7.27
N THR B 126 7.90 14.64 -6.74
CA THR B 126 6.70 14.38 -7.54
C THR B 126 6.61 15.39 -8.68
N SER B 127 7.10 16.60 -8.43
CA SER B 127 7.23 17.62 -9.46
C SER B 127 8.03 17.11 -10.67
N LEU B 128 9.09 16.34 -10.43
CA LEU B 128 9.86 15.77 -11.52
C LEU B 128 8.98 14.80 -12.30
N TRP B 129 8.34 13.89 -11.58
CA TRP B 129 7.54 12.87 -12.23
C TRP B 129 6.26 13.41 -12.88
N SER B 130 5.68 14.45 -12.29
CA SER B 130 4.48 15.06 -12.86
C SER B 130 4.81 15.59 -14.27
N GLN B 131 5.98 16.21 -14.40
CA GLN B 131 6.39 16.77 -15.68
C GLN B 131 6.65 15.70 -16.72
N LEU B 132 7.35 14.64 -16.30
CA LEU B 132 7.62 13.53 -17.21
C LEU B 132 6.32 12.85 -17.64
N ALA B 133 5.40 12.68 -16.70
CA ALA B 133 4.12 12.07 -17.00
C ALA B 133 3.34 12.92 -18.00
N SER B 134 3.31 14.23 -17.79
CA SER B 134 2.64 15.14 -18.71
C SER B 134 3.24 15.07 -20.11
N LYS B 135 4.56 15.01 -20.19
CA LYS B 135 5.23 14.90 -21.49
C LYS B 135 4.84 13.61 -22.19
N TYR B 136 4.79 12.51 -21.43
CA TYR B 136 4.65 11.19 -22.03
C TYR B 136 3.24 10.59 -21.91
N ALA B 137 2.29 11.39 -21.47
CA ALA B 137 0.95 10.89 -21.18
C ALA B 137 0.32 10.12 -22.35
N SER B 138 0.57 10.58 -23.57
CA SER B 138 -0.07 9.99 -24.74
C SER B 138 0.68 8.79 -25.29
N GLN B 139 1.82 8.46 -24.71
CA GLN B 139 2.63 7.35 -25.21
C GLN B 139 2.60 6.16 -24.25
N SER B 140 1.76 5.18 -24.57
CA SER B 140 1.49 4.09 -23.64
C SER B 140 2.65 3.12 -23.45
N ARG B 141 3.69 3.22 -24.27
CA ARG B 141 4.80 2.28 -24.14
C ARG B 141 5.98 2.86 -23.35
N VAL B 142 5.79 4.05 -22.82
CA VAL B 142 6.73 4.60 -21.86
C VAL B 142 6.40 4.00 -20.48
N TRP B 143 7.42 3.49 -19.83
CA TRP B 143 7.27 2.80 -18.55
C TRP B 143 7.94 3.70 -17.51
N PHE B 144 7.23 4.03 -16.44
CA PHE B 144 7.76 4.99 -15.46
C PHE B 144 8.58 4.32 -14.33
N GLY B 145 9.91 4.40 -14.44
CA GLY B 145 10.82 3.78 -13.50
C GLY B 145 11.16 4.72 -12.37
N ILE B 146 10.27 4.74 -11.39
CA ILE B 146 10.27 5.77 -10.35
C ILE B 146 11.63 6.10 -9.74
N MET B 147 12.40 5.07 -9.42
CA MET B 147 13.68 5.29 -8.76
C MET B 147 14.58 4.07 -8.80
N ASN B 148 15.86 4.31 -9.10
CA ASN B 148 16.83 3.24 -9.13
C ASN B 148 17.39 3.00 -7.73
N GLU B 149 17.28 1.75 -7.27
CA GLU B 149 17.99 1.28 -6.07
C GLU B 149 17.93 2.14 -4.79
N PRO B 150 16.72 2.39 -4.28
CA PRO B 150 16.66 2.93 -2.92
C PRO B 150 17.41 2.00 -1.99
N HIS B 151 18.08 2.56 -0.99
CA HIS B 151 18.80 1.78 -0.01
C HIS B 151 18.94 2.57 1.29
N ASP B 152 18.92 1.85 2.41
CA ASP B 152 19.05 2.46 3.71
C ASP B 152 18.07 3.62 3.89
N VAL B 153 16.83 3.45 3.43
CA VAL B 153 15.79 4.44 3.72
C VAL B 153 14.71 3.82 4.62
N ASN B 154 13.87 4.66 5.21
CA ASN B 154 12.70 4.19 5.96
C ASN B 154 11.68 3.71 4.93
N ILE B 155 11.41 2.41 4.92
CA ILE B 155 10.54 1.85 3.89
C ILE B 155 9.10 2.35 3.97
N ASN B 156 8.64 2.67 5.19
CA ASN B 156 7.27 3.15 5.34
C ASN B 156 7.14 4.53 4.71
N THR B 157 8.08 5.41 5.03
CA THR B 157 8.07 6.74 4.46
C THR B 157 8.28 6.70 2.95
N TRP B 158 9.20 5.85 2.49
CA TRP B 158 9.42 5.67 1.05
C TRP B 158 8.15 5.23 0.30
N ALA B 159 7.44 4.24 0.83
CA ALA B 159 6.19 3.79 0.20
C ALA B 159 5.17 4.93 0.03
N ALA B 160 5.09 5.82 1.01
CA ALA B 160 4.24 7.00 0.92
C ALA B 160 4.70 7.91 -0.22
N THR B 161 6.01 8.13 -0.29
CA THR B 161 6.60 8.92 -1.37
C THR B 161 6.25 8.30 -2.72
N VAL B 162 6.43 6.99 -2.82
CA VAL B 162 6.10 6.27 -4.05
C VAL B 162 4.62 6.46 -4.42
N GLN B 163 3.74 6.36 -3.42
CA GLN B 163 2.31 6.59 -3.64
C GLN B 163 2.04 8.00 -4.19
N GLU B 164 2.68 9.00 -3.60
CA GLU B 164 2.53 10.38 -4.10
C GLU B 164 2.97 10.48 -5.56
N VAL B 165 4.04 9.78 -5.93
CA VAL B 165 4.49 9.80 -7.32
C VAL B 165 3.48 9.14 -8.27
N VAL B 166 3.01 7.95 -7.90
CA VAL B 166 2.00 7.27 -8.70
C VAL B 166 0.78 8.17 -8.91
N THR B 167 0.32 8.82 -7.84
CA THR B 167 -0.81 9.72 -7.95
C THR B 167 -0.51 10.87 -8.92
N ALA B 168 0.70 11.41 -8.84
CA ALA B 168 1.06 12.51 -9.71
C ALA B 168 1.07 12.07 -11.18
N ILE B 169 1.59 10.87 -11.42
CA ILE B 169 1.72 10.38 -12.78
C ILE B 169 0.34 10.17 -13.42
N ARG B 170 -0.57 9.57 -12.66
CA ARG B 170 -1.93 9.32 -13.14
C ARG B 170 -2.71 10.61 -13.34
N ASN B 171 -2.61 11.53 -12.38
CA ASN B 171 -3.30 12.81 -12.47
C ASN B 171 -2.81 13.69 -13.62
N ALA B 172 -1.59 13.45 -14.09
CA ALA B 172 -1.04 14.22 -15.20
C ALA B 172 -1.53 13.68 -16.54
N GLY B 173 -2.30 12.60 -16.50
CA GLY B 173 -2.87 12.05 -17.71
C GLY B 173 -2.20 10.77 -18.20
N ALA B 174 -1.11 10.35 -17.54
CA ALA B 174 -0.46 9.10 -17.93
C ALA B 174 -1.16 7.90 -17.27
N THR B 175 -2.30 7.53 -17.83
CA THR B 175 -3.20 6.58 -17.19
C THR B 175 -3.08 5.16 -17.75
N SER B 176 -2.41 5.02 -18.90
CA SER B 176 -2.32 3.72 -19.54
C SER B 176 -1.01 2.99 -19.25
N GLN B 177 -0.02 3.71 -18.73
CA GLN B 177 1.35 3.21 -18.69
C GLN B 177 1.66 2.31 -17.49
N PHE B 178 2.61 1.41 -17.66
CA PHE B 178 3.20 0.69 -16.53
C PHE B 178 3.99 1.67 -15.63
N ILE B 179 3.93 1.44 -14.33
CA ILE B 179 4.73 2.19 -13.38
C ILE B 179 5.46 1.22 -12.45
N SER B 180 6.76 1.44 -12.25
CA SER B 180 7.56 0.60 -11.35
C SER B 180 7.40 1.00 -9.90
N LEU B 181 7.37 0.01 -9.01
CA LEU B 181 7.41 0.24 -7.58
C LEU B 181 8.71 -0.35 -7.03
N PRO B 182 9.72 0.50 -6.75
CA PRO B 182 11.00 -0.03 -6.26
C PRO B 182 11.14 -0.06 -4.74
N GLY B 183 11.73 -1.13 -4.22
CA GLY B 183 11.90 -1.30 -2.79
C GLY B 183 13.29 -1.03 -2.25
N ASN B 184 13.49 -1.33 -0.98
CA ASN B 184 14.75 -1.09 -0.26
C ASN B 184 15.85 -2.07 -0.65
N ASP B 185 16.97 -2.01 0.06
CA ASP B 185 18.09 -2.92 -0.19
C ASP B 185 18.52 -2.97 -1.66
N TRP B 186 18.66 -1.80 -2.26
CA TRP B 186 19.14 -1.68 -3.62
C TRP B 186 18.22 -2.47 -4.56
N GLN B 187 16.93 -2.51 -4.22
CA GLN B 187 15.94 -3.23 -5.03
C GLN B 187 16.19 -4.73 -5.13
N SER B 188 17.02 -5.27 -4.25
CA SER B 188 17.33 -6.70 -4.35
C SER B 188 16.09 -7.60 -4.29
N ALA B 189 15.99 -8.50 -5.27
CA ALA B 189 14.89 -9.45 -5.33
C ALA B 189 14.95 -10.37 -4.12
N GLY B 190 16.16 -10.57 -3.58
CA GLY B 190 16.36 -11.45 -2.45
C GLY B 190 15.82 -10.91 -1.14
N ALA B 191 15.80 -9.58 -1.01
CA ALA B 191 15.39 -8.95 0.24
C ALA B 191 14.00 -8.31 0.14
N PHE B 192 13.40 -8.38 -1.04
CA PHE B 192 12.20 -7.63 -1.35
C PHE B 192 11.05 -7.91 -0.37
N ILE B 193 10.86 -9.17 -0.03
CA ILE B 193 9.79 -9.53 0.91
C ILE B 193 10.26 -9.39 2.35
N SER B 194 11.40 -9.99 2.67
CA SER B 194 11.89 -10.01 4.03
C SER B 194 12.16 -8.63 4.64
N ASP B 195 12.55 -7.65 3.83
CA ASP B 195 12.83 -6.31 4.36
C ASP B 195 11.60 -5.42 4.43
N GLY B 196 10.44 -5.99 4.10
CA GLY B 196 9.17 -5.29 4.28
C GLY B 196 8.75 -4.41 3.10
N SER B 197 9.56 -4.36 2.05
CA SER B 197 9.25 -3.56 0.87
C SER B 197 8.01 -4.07 0.14
N ALA B 198 7.94 -5.38 -0.07
CA ALA B 198 6.78 -5.97 -0.73
C ALA B 198 5.49 -5.56 -0.04
N ALA B 199 5.43 -5.68 1.28
CA ALA B 199 4.20 -5.38 2.00
C ALA B 199 3.86 -3.90 1.91
N ALA B 200 4.85 -3.05 2.15
CA ALA B 200 4.62 -1.60 2.12
C ALA B 200 4.17 -1.13 0.73
N LEU B 201 4.85 -1.61 -0.30
CA LEU B 201 4.55 -1.17 -1.66
C LEU B 201 3.24 -1.75 -2.18
N SER B 202 2.82 -2.87 -1.62
CA SER B 202 1.53 -3.46 -2.00
C SER B 202 0.34 -2.56 -1.71
N GLN B 203 0.54 -1.55 -0.87
CA GLN B 203 -0.55 -0.67 -0.47
C GLN B 203 -0.72 0.50 -1.45
N VAL B 204 0.21 0.63 -2.39
CA VAL B 204 0.16 1.72 -3.36
C VAL B 204 -0.88 1.43 -4.42
N THR B 205 -1.71 2.43 -4.73
CA THR B 205 -2.78 2.24 -5.70
C THR B 205 -2.90 3.41 -6.65
N ASN B 206 -3.54 3.16 -7.79
CA ASN B 206 -4.00 4.22 -8.69
C ASN B 206 -5.12 4.98 -8.00
N PRO B 207 -5.40 6.20 -8.48
CA PRO B 207 -6.50 7.01 -7.94
C PRO B 207 -7.81 6.24 -7.79
N ASP B 208 -8.11 5.34 -8.72
CA ASP B 208 -9.35 4.57 -8.67
C ASP B 208 -9.32 3.42 -7.66
N GLY B 209 -8.23 3.30 -6.91
CA GLY B 209 -8.13 2.25 -5.91
C GLY B 209 -7.54 0.93 -6.41
N SER B 210 -7.36 0.79 -7.72
CA SER B 210 -6.80 -0.44 -8.30
C SER B 210 -5.27 -0.47 -8.18
N THR B 211 -4.67 -1.63 -8.45
CA THR B 211 -3.21 -1.71 -8.54
C THR B 211 -2.81 -2.02 -9.98
N THR B 212 -3.75 -1.80 -10.89
CA THR B 212 -3.54 -2.08 -12.30
C THR B 212 -2.28 -1.39 -12.85
N ASN B 213 -1.43 -2.17 -13.50
CA ASN B 213 -0.23 -1.66 -14.16
C ASN B 213 0.82 -1.09 -13.22
N LEU B 214 0.73 -1.45 -11.94
CA LEU B 214 1.74 -1.08 -10.97
C LEU B 214 2.54 -2.34 -10.71
N ILE B 215 3.79 -2.32 -11.18
CA ILE B 215 4.60 -3.52 -11.25
C ILE B 215 5.76 -3.40 -10.28
N PHE B 216 5.99 -4.43 -9.48
CA PHE B 216 7.12 -4.41 -8.57
C PHE B 216 8.42 -4.50 -9.38
N ASP B 217 9.38 -3.65 -9.04
CA ASP B 217 10.61 -3.52 -9.81
C ASP B 217 11.77 -4.03 -8.96
N VAL B 218 12.37 -5.16 -9.35
CA VAL B 218 13.51 -5.69 -8.60
C VAL B 218 14.80 -5.79 -9.42
N HIS B 219 15.92 -5.86 -8.73
CA HIS B 219 17.23 -6.07 -9.33
C HIS B 219 17.84 -7.32 -8.69
N LYS B 220 18.74 -7.99 -9.41
CA LYS B 220 19.47 -9.09 -8.82
C LYS B 220 20.70 -9.41 -9.67
N TYR B 221 21.86 -9.47 -9.02
CA TYR B 221 23.09 -9.86 -9.69
C TYR B 221 23.49 -11.26 -9.27
N LEU B 222 24.52 -11.79 -9.91
CA LEU B 222 24.82 -13.21 -9.81
C LEU B 222 26.20 -13.47 -9.23
N ASP B 223 26.90 -12.40 -8.85
CA ASP B 223 28.21 -12.58 -8.21
C ASP B 223 28.08 -12.76 -6.69
N SER B 224 29.20 -13.10 -6.06
CA SER B 224 29.20 -13.51 -4.64
C SER B 224 28.59 -12.50 -3.65
N ASP B 225 28.65 -11.21 -3.96
CA ASP B 225 28.08 -10.20 -3.06
C ASP B 225 26.90 -9.42 -3.65
N ASN B 226 26.30 -9.96 -4.71
CA ASN B 226 25.13 -9.33 -5.32
C ASN B 226 25.37 -7.89 -5.74
N SER B 227 26.57 -7.59 -6.23
CA SER B 227 26.96 -6.22 -6.54
C SER B 227 27.09 -5.98 -8.04
N GLY B 228 27.18 -7.06 -8.81
CA GLY B 228 27.41 -6.96 -10.24
C GLY B 228 28.76 -6.34 -10.58
N THR B 229 29.74 -6.50 -9.70
CA THR B 229 31.06 -5.91 -9.94
C THR B 229 32.13 -6.95 -10.28
N HIS B 230 31.79 -8.22 -10.16
CA HIS B 230 32.72 -9.30 -10.49
C HIS B 230 32.29 -9.98 -11.77
N ALA B 231 33.27 -10.45 -12.53
CA ALA B 231 33.01 -11.19 -13.76
C ALA B 231 32.31 -12.51 -13.49
N GLU B 232 32.77 -13.24 -12.48
CA GLU B 232 32.29 -14.61 -12.26
C GLU B 232 30.92 -14.65 -11.60
N CYS B 233 30.10 -15.64 -11.98
CA CYS B 233 28.82 -15.83 -11.33
C CYS B 233 28.88 -17.02 -10.37
N THR B 234 28.10 -16.94 -9.29
CA THR B 234 28.18 -17.91 -8.21
C THR B 234 26.80 -18.43 -7.84
N THR B 235 25.76 -17.92 -8.50
CA THR B 235 24.39 -18.33 -8.19
C THR B 235 23.47 -18.05 -9.37
N ASN B 236 22.37 -18.80 -9.45
CA ASN B 236 21.32 -18.51 -10.43
C ASN B 236 20.12 -17.82 -9.77
N ASN B 237 20.23 -17.54 -8.47
CA ASN B 237 19.22 -16.79 -7.70
C ASN B 237 17.82 -17.41 -7.57
N ILE B 238 17.67 -18.66 -7.98
CA ILE B 238 16.36 -19.28 -7.91
C ILE B 238 15.89 -19.59 -6.47
N ASP B 239 16.68 -20.37 -5.74
CA ASP B 239 16.30 -20.73 -4.38
C ASP B 239 16.25 -19.52 -3.46
N GLY B 240 17.22 -18.63 -3.62
CA GLY B 240 17.38 -17.51 -2.71
C GLY B 240 16.49 -16.32 -2.98
N ALA B 241 16.02 -16.17 -4.22
CA ALA B 241 15.24 -14.98 -4.55
C ALA B 241 13.99 -15.25 -5.39
N PHE B 242 14.18 -15.83 -6.57
CA PHE B 242 13.08 -15.82 -7.53
C PHE B 242 11.97 -16.85 -7.28
N SER B 243 12.28 -17.97 -6.62
CA SER B 243 11.25 -18.94 -6.27
C SER B 243 10.31 -18.39 -5.19
N PRO B 244 10.87 -17.98 -4.04
CA PRO B 244 10.03 -17.38 -3.01
C PRO B 244 9.27 -16.17 -3.52
N LEU B 245 9.88 -15.39 -4.41
CA LEU B 245 9.20 -14.21 -4.93
C LEU B 245 8.03 -14.61 -5.84
N ALA B 246 8.28 -15.57 -6.73
CA ALA B 246 7.22 -16.06 -7.62
C ALA B 246 5.99 -16.50 -6.82
N THR B 247 6.21 -17.28 -5.78
CA THR B 247 5.14 -17.77 -4.93
C THR B 247 4.35 -16.61 -4.34
N TRP B 248 5.08 -15.64 -3.76
CA TRP B 248 4.45 -14.47 -3.17
C TRP B 248 3.63 -13.67 -4.20
N LEU B 249 4.24 -13.43 -5.35
CA LEU B 249 3.57 -12.69 -6.42
C LEU B 249 2.30 -13.39 -6.87
N ARG B 250 2.38 -14.72 -6.96
CA ARG B 250 1.29 -15.49 -7.55
C ARG B 250 0.12 -15.55 -6.58
N GLN B 251 0.41 -15.78 -5.31
CA GLN B 251 -0.62 -15.76 -4.28
C GLN B 251 -1.31 -14.40 -4.20
N ASN B 252 -0.58 -13.33 -4.52
CA ASN B 252 -1.13 -11.99 -4.40
C ASN B 252 -1.65 -11.43 -5.70
N ASN B 253 -1.58 -12.24 -6.76
CA ASN B 253 -2.01 -11.82 -8.09
C ASN B 253 -1.32 -10.52 -8.53
N ARG B 254 -0.03 -10.44 -8.28
CA ARG B 254 0.76 -9.28 -8.70
C ARG B 254 1.90 -9.72 -9.60
N GLN B 255 2.62 -8.74 -10.15
CA GLN B 255 3.69 -9.04 -11.10
C GLN B 255 4.92 -8.19 -10.79
N ALA B 256 6.07 -8.67 -11.24
CA ALA B 256 7.34 -7.98 -11.05
C ALA B 256 8.14 -8.00 -12.34
N ILE B 257 9.02 -7.02 -12.46
CA ILE B 257 9.99 -7.01 -13.56
C ILE B 257 11.39 -6.89 -12.99
N LEU B 258 12.33 -7.62 -13.58
CA LEU B 258 13.73 -7.57 -13.19
C LEU B 258 14.41 -6.56 -14.11
N THR B 259 14.60 -5.33 -13.63
CA THR B 259 15.11 -4.26 -14.47
C THR B 259 16.63 -4.15 -14.51
N GLU B 260 17.31 -4.90 -13.65
CA GLU B 260 18.77 -4.99 -13.72
C GLU B 260 19.24 -6.37 -13.34
N THR B 261 19.99 -7.00 -14.25
CA THR B 261 20.66 -8.25 -13.96
C THR B 261 21.79 -8.36 -14.95
N GLY B 262 22.81 -9.15 -14.63
CA GLY B 262 23.96 -9.23 -15.53
C GLY B 262 25.09 -10.05 -14.96
N GLY B 263 26.13 -10.23 -15.75
CA GLY B 263 27.31 -10.94 -15.30
C GLY B 263 28.45 -10.82 -16.31
N GLY B 264 29.60 -11.38 -15.95
CA GLY B 264 30.70 -11.39 -16.88
C GLY B 264 30.38 -12.20 -18.12
N ASN B 265 31.14 -11.96 -19.19
CA ASN B 265 31.02 -12.76 -20.39
C ASN B 265 31.92 -13.98 -20.27
N VAL B 266 31.59 -14.84 -19.32
CA VAL B 266 32.39 -16.02 -18.98
C VAL B 266 31.47 -17.21 -18.72
N GLN B 267 32.04 -18.41 -18.74
CA GLN B 267 31.27 -19.66 -18.66
C GLN B 267 30.37 -19.76 -17.42
N SER B 268 30.89 -19.38 -16.26
CA SER B 268 30.09 -19.43 -15.04
C SER B 268 28.77 -18.66 -15.16
N CYS B 269 28.82 -17.52 -15.82
CA CYS B 269 27.63 -16.68 -15.98
C CYS B 269 26.74 -17.18 -17.11
N ILE B 270 27.34 -17.69 -18.17
CA ILE B 270 26.60 -18.30 -19.26
C ILE B 270 25.73 -19.42 -18.70
N GLN B 271 26.27 -20.16 -17.74
CA GLN B 271 25.49 -21.21 -17.09
C GLN B 271 24.45 -20.63 -16.13
N ASP B 272 24.88 -19.80 -15.19
CA ASP B 272 23.99 -19.28 -14.14
C ASP B 272 22.92 -18.33 -14.66
N MET B 273 23.28 -17.45 -15.58
CA MET B 273 22.32 -16.52 -16.14
C MET B 273 21.26 -17.25 -16.95
N CYS B 274 21.66 -18.29 -17.66
CA CYS B 274 20.68 -19.01 -18.46
C CYS B 274 19.71 -19.76 -17.56
N GLN B 275 20.20 -20.29 -16.44
CA GLN B 275 19.33 -20.93 -15.47
C GLN B 275 18.36 -19.92 -14.89
N GLN B 276 18.87 -18.73 -14.58
CA GLN B 276 18.04 -17.68 -14.01
C GLN B 276 16.93 -17.30 -14.98
N ILE B 277 17.31 -17.01 -16.21
CA ILE B 277 16.37 -16.60 -17.24
C ILE B 277 15.34 -17.70 -17.51
N GLN B 278 15.79 -18.94 -17.50
CA GLN B 278 14.88 -20.04 -17.75
C GLN B 278 13.79 -20.08 -16.68
N TYR B 279 14.18 -19.87 -15.42
CA TYR B 279 13.21 -19.86 -14.33
C TYR B 279 12.23 -18.70 -14.45
N LEU B 280 12.70 -17.53 -14.86
CA LEU B 280 11.79 -16.42 -15.10
C LEU B 280 10.80 -16.77 -16.21
N ASN B 281 11.31 -17.34 -17.30
CA ASN B 281 10.45 -17.73 -18.41
C ASN B 281 9.41 -18.79 -18.02
N GLN B 282 9.77 -19.68 -17.10
CA GLN B 282 8.82 -20.70 -16.62
C GLN B 282 7.84 -20.15 -15.60
N ASN B 283 8.01 -18.88 -15.24
CA ASN B 283 7.10 -18.21 -14.32
C ASN B 283 6.66 -16.88 -14.89
N SER B 284 6.27 -16.89 -16.15
CA SER B 284 5.95 -15.66 -16.90
C SER B 284 4.57 -15.13 -16.56
N ASP B 285 3.83 -15.86 -15.73
CA ASP B 285 2.58 -15.31 -15.22
C ASP B 285 2.83 -14.19 -14.19
N VAL B 286 3.89 -14.32 -13.41
CA VAL B 286 4.23 -13.31 -12.40
C VAL B 286 5.43 -12.43 -12.80
N TYR B 287 6.31 -12.94 -13.65
CA TYR B 287 7.42 -12.10 -14.12
C TYR B 287 7.10 -11.54 -15.50
N LEU B 288 7.14 -10.21 -15.60
CA LEU B 288 6.81 -9.50 -16.84
C LEU B 288 8.00 -9.36 -17.79
N GLY B 289 9.21 -9.48 -17.25
CA GLY B 289 10.39 -9.36 -18.09
C GLY B 289 11.72 -9.29 -17.36
N TYR B 290 12.80 -9.27 -18.13
CA TYR B 290 14.14 -9.08 -17.59
C TYR B 290 14.90 -8.09 -18.44
N VAL B 291 15.80 -7.33 -17.81
CA VAL B 291 16.58 -6.32 -18.53
C VAL B 291 18.05 -6.41 -18.12
N GLY B 292 18.93 -6.71 -19.07
CA GLY B 292 20.33 -6.91 -18.76
C GLY B 292 21.06 -5.60 -18.49
N TRP B 293 22.12 -5.66 -17.69
CA TRP B 293 23.01 -4.51 -17.44
C TRP B 293 24.44 -4.92 -17.84
N GLY B 294 25.07 -4.21 -18.77
CA GLY B 294 24.51 -3.02 -19.40
C GLY B 294 25.19 -2.71 -20.72
N ALA B 295 24.46 -2.05 -21.61
CA ALA B 295 25.00 -1.64 -22.91
C ALA B 295 24.96 -0.11 -23.01
N GLY B 296 24.75 0.42 -24.21
CA GLY B 296 24.76 1.86 -24.37
C GLY B 296 26.20 2.34 -24.41
N SER B 297 26.57 3.23 -23.49
CA SER B 297 27.89 3.86 -23.51
C SER B 297 28.99 3.04 -22.84
N PHE B 298 28.66 1.89 -22.26
CA PHE B 298 29.68 0.96 -21.79
C PHE B 298 30.40 0.40 -23.03
N ASP B 299 31.70 0.14 -22.91
CA ASP B 299 32.44 -0.45 -24.02
C ASP B 299 33.00 -1.81 -23.67
N SER B 300 33.89 -2.33 -24.51
CA SER B 300 34.34 -3.71 -24.39
C SER B 300 35.09 -3.98 -23.09
N THR B 301 35.47 -2.92 -22.37
CA THR B 301 36.32 -3.11 -21.20
C THR B 301 35.51 -3.19 -19.91
N TYR B 302 34.23 -2.86 -20.00
CA TYR B 302 33.38 -2.93 -18.82
C TYR B 302 33.13 -4.38 -18.43
N VAL B 303 33.28 -4.70 -17.14
CA VAL B 303 33.19 -6.08 -16.69
C VAL B 303 31.82 -6.71 -16.98
N LEU B 304 30.75 -5.93 -16.93
CA LEU B 304 29.42 -6.47 -17.26
C LEU B 304 28.92 -5.99 -18.62
N THR B 305 29.83 -5.78 -19.56
CA THR B 305 29.42 -5.19 -20.83
C THR B 305 28.45 -6.11 -21.61
N GLU B 306 27.39 -5.51 -22.15
CA GLU B 306 26.47 -6.20 -23.05
C GLU B 306 26.39 -5.42 -24.36
N THR B 307 27.30 -4.47 -24.55
CA THR B 307 27.32 -3.65 -25.75
C THR B 307 27.77 -4.46 -26.95
N PRO B 308 26.95 -4.47 -28.01
CA PRO B 308 27.36 -5.19 -29.22
C PRO B 308 28.44 -4.40 -29.94
N THR B 309 29.21 -5.08 -30.79
CA THR B 309 30.25 -4.44 -31.57
C THR B 309 29.82 -4.26 -33.02
N SER B 310 30.03 -3.07 -33.57
CA SER B 310 29.71 -2.82 -34.96
C SER B 310 30.93 -3.02 -35.84
N SER B 311 30.77 -3.79 -36.91
CA SER B 311 31.86 -4.03 -37.86
C SER B 311 31.30 -4.09 -39.27
N GLY B 312 31.44 -3.00 -40.01
CA GLY B 312 30.95 -2.94 -41.37
C GLY B 312 29.46 -3.23 -41.48
N ASN B 313 28.64 -2.39 -40.85
CA ASN B 313 27.19 -2.53 -40.89
C ASN B 313 26.69 -3.84 -40.29
N SER B 314 27.58 -4.52 -39.57
CA SER B 314 27.20 -5.73 -38.84
C SER B 314 27.47 -5.56 -37.35
N TRP B 315 26.58 -6.09 -36.53
CA TRP B 315 26.78 -6.08 -35.09
C TRP B 315 27.08 -7.48 -34.60
N THR B 316 27.96 -7.59 -33.61
CA THR B 316 28.22 -8.85 -32.91
C THR B 316 27.97 -8.65 -31.42
N ASP B 317 27.23 -9.57 -30.80
CA ASP B 317 26.89 -9.46 -29.39
C ASP B 317 27.98 -10.04 -28.50
N THR B 318 27.99 -9.64 -27.23
CA THR B 318 28.88 -10.27 -26.25
C THR B 318 28.37 -11.70 -26.02
N SER B 319 29.20 -12.55 -25.42
CA SER B 319 28.81 -13.94 -25.26
C SER B 319 27.61 -14.13 -24.32
N LEU B 320 27.50 -13.30 -23.28
CA LEU B 320 26.38 -13.46 -22.35
C LEU B 320 25.05 -13.05 -22.99
N VAL B 321 25.05 -11.96 -23.74
CA VAL B 321 23.86 -11.55 -24.46
C VAL B 321 23.47 -12.62 -25.49
N SER B 322 24.42 -12.98 -26.34
CA SER B 322 24.17 -13.95 -27.40
C SER B 322 23.69 -15.29 -26.86
N SER B 323 24.34 -15.78 -25.81
CA SER B 323 24.02 -17.10 -25.25
C SER B 323 22.79 -17.10 -24.34
N CYS B 324 22.49 -15.98 -23.66
CA CYS B 324 21.50 -16.01 -22.58
C CYS B 324 20.35 -15.02 -22.67
N LEU B 325 20.63 -13.79 -23.07
CA LEU B 325 19.60 -12.76 -23.04
C LEU B 325 18.80 -12.70 -24.33
N ALA B 326 19.50 -12.89 -25.45
CA ALA B 326 18.91 -12.72 -26.77
C ALA B 326 17.80 -13.74 -27.01
N ARG B 327 16.82 -13.37 -27.82
CA ARG B 327 15.77 -14.29 -28.23
C ARG B 327 15.77 -14.39 -29.74
N LYS B 328 16.63 -15.26 -30.28
CA LYS B 328 16.72 -15.42 -31.73
C LYS B 328 15.79 -16.53 -32.21
N GLY B 329 15.10 -17.18 -31.26
CA GLY B 329 14.21 -18.27 -31.58
C GLY B 329 13.22 -17.95 -32.68
#